data_7BU2
#
_entry.id   7BU2
#
_cell.length_a   133.138
_cell.length_b   64.470
_cell.length_c   81.663
_cell.angle_alpha   90.000
_cell.angle_beta   106.140
_cell.angle_gamma   90.000
#
_symmetry.space_group_name_H-M   'C 1 2 1'
#
loop_
_entity.id
_entity.type
_entity.pdbx_description
1 polymer 'Alcohol dehydrogenase'
2 non-polymer 'NITRATE ION'
3 non-polymer GLYCEROL
4 non-polymer 'ZINC ION'
5 water water
#
_entity_poly.entity_id   1
_entity_poly.type   'polypeptide(L)'
_entity_poly.pdbx_seq_one_letter_code
;MSMIKSYAAKEAGGELEVYEYDPGELRPQDVEVQVDYCGICHSDLSMIDNEWGFSQYPLVAGHEVIGRVVALGSAAQDKG
LQVGQRVGIGWTARSCGHCDACISGNQINCEQGAVPTIMNRGGFAEKLRADWQWVIPLPENIDIESAGPLLCGGITVFKP
LLMHHITATSRVGVIGIGGLGHIAIKLLHAMGCEVTAFSSNPAKEQEVLAMGADKVVNSRDPQALKALAGQFDLIINTVN
VSLDWQPYFEALTYGGNFHTVGAVLTPLSVPAFTLIAGDRSVSGSATGTPYELRKLMRFAARSKVAPTTELFPMSKINDA
IQHVRDGKARYRVVLKADYLAHHHHHH
;
_entity_poly.pdbx_strand_id   A,B
#
# COMPACT_ATOMS: atom_id res chain seq x y z
N SER A 2 26.09 31.60 -11.69
CA SER A 2 25.35 30.42 -12.10
C SER A 2 23.84 30.64 -12.00
N MET A 3 23.07 29.97 -12.84
CA MET A 3 21.62 30.02 -12.75
C MET A 3 21.12 28.70 -12.21
N ILE A 4 20.01 28.75 -11.45
CA ILE A 4 19.36 27.53 -10.97
C ILE A 4 17.98 27.44 -11.60
N LYS A 5 17.69 26.32 -12.26
CA LYS A 5 16.37 26.04 -12.82
C LYS A 5 15.43 25.47 -11.75
N SER A 6 14.29 26.12 -11.54
CA SER A 6 13.34 25.72 -10.50
C SER A 6 11.90 25.78 -11.00
N TYR A 7 10.98 25.25 -10.19
CA TYR A 7 9.55 25.43 -10.43
C TYR A 7 8.97 26.31 -9.35
N ALA A 8 8.49 27.48 -9.72
CA ALA A 8 8.08 28.47 -8.75
C ALA A 8 6.61 28.89 -8.89
N ALA A 9 5.98 29.17 -7.76
CA ALA A 9 4.70 29.89 -7.74
C ALA A 9 4.96 31.40 -7.82
N LYS A 10 4.28 32.07 -8.74
CA LYS A 10 4.48 33.51 -8.90
C LYS A 10 3.48 34.32 -8.08
N GLU A 11 2.46 33.67 -7.54
CA GLU A 11 1.47 34.31 -6.67
C GLU A 11 0.85 33.27 -5.77
N ALA A 12 0.22 33.69 -4.68
CA ALA A 12 -0.38 32.73 -3.75
C ALA A 12 -1.38 31.80 -4.45
N GLY A 13 -1.25 30.51 -4.21
CA GLY A 13 -2.14 29.53 -4.81
C GLY A 13 -1.93 29.25 -6.28
N GLY A 14 -0.92 29.88 -6.87
CA GLY A 14 -0.68 29.77 -8.30
C GLY A 14 -0.08 28.44 -8.72
N GLU A 15 -0.15 28.14 -10.01
CA GLU A 15 0.52 26.95 -10.52
C GLU A 15 2.00 27.25 -10.69
N LEU A 16 2.82 26.21 -10.65
CA LEU A 16 4.25 26.40 -10.72
C LEU A 16 4.73 26.58 -12.15
N GLU A 17 5.66 27.52 -12.33
CA GLU A 17 6.24 27.84 -13.63
C GLU A 17 7.75 27.65 -13.58
N VAL A 18 8.33 27.27 -14.71
CA VAL A 18 9.78 27.23 -14.81
C VAL A 18 10.32 28.61 -14.49
N TYR A 19 11.29 28.66 -13.58
CA TYR A 19 11.80 29.92 -13.04
C TYR A 19 13.29 29.79 -12.77
N GLU A 20 14.09 30.57 -13.50
CA GLU A 20 15.53 30.54 -13.31
C GLU A 20 15.93 31.68 -12.39
N TYR A 21 16.75 31.38 -11.39
CA TYR A 21 17.23 32.43 -10.50
C TYR A 21 18.73 32.29 -10.26
N ASP A 22 19.37 33.42 -9.98
CA ASP A 22 20.79 33.43 -9.65
C ASP A 22 20.91 33.43 -8.14
N PRO A 23 21.49 32.35 -7.57
CA PRO A 23 21.71 32.27 -6.13
C PRO A 23 22.89 33.12 -5.65
N GLY A 24 23.67 33.66 -6.57
CA GLY A 24 24.91 34.33 -6.22
C GLY A 24 25.97 33.33 -5.79
N GLU A 25 27.13 33.81 -5.34
CA GLU A 25 28.17 32.93 -4.86
C GLU A 25 27.74 32.17 -3.61
N LEU A 26 28.28 30.97 -3.47
CA LEU A 26 28.04 30.14 -2.31
C LEU A 26 28.53 30.85 -1.03
N ARG A 27 27.66 30.99 -0.04
CA ARG A 27 28.07 31.53 1.25
C ARG A 27 29.01 30.55 1.94
N PRO A 28 29.83 31.05 2.86
CA PRO A 28 30.84 30.21 3.51
C PRO A 28 30.24 28.94 4.12
N GLN A 29 29.06 29.06 4.70
CA GLN A 29 28.48 27.90 5.37
C GLN A 29 27.59 27.06 4.46
N ASP A 30 27.34 27.52 3.24
CA ASP A 30 26.40 26.88 2.30
C ASP A 30 26.96 25.56 1.77
N VAL A 31 26.04 24.67 1.42
CA VAL A 31 26.30 23.47 0.64
C VAL A 31 25.31 23.49 -0.51
N GLU A 32 25.78 23.32 -1.74
CA GLU A 32 24.87 23.23 -2.89
C GLU A 32 24.62 21.78 -3.24
N VAL A 33 23.34 21.44 -3.39
CA VAL A 33 22.93 20.06 -3.62
C VAL A 33 22.10 19.94 -4.89
N GLN A 34 22.49 18.97 -5.74
CA GLN A 34 21.73 18.60 -6.92
C GLN A 34 20.59 17.68 -6.50
N VAL A 35 19.37 18.03 -6.88
CA VAL A 35 18.20 17.25 -6.48
C VAL A 35 18.05 16.00 -7.32
N ASP A 36 17.96 14.85 -6.66
CA ASP A 36 17.64 13.61 -7.36
C ASP A 36 16.16 13.28 -7.14
N TYR A 37 15.69 13.44 -5.90
CA TYR A 37 14.29 13.19 -5.53
C TYR A 37 13.84 14.28 -4.56
N CYS A 38 12.57 14.64 -4.57
CA CYS A 38 12.03 15.55 -3.58
C CYS A 38 10.60 15.17 -3.26
N GLY A 39 10.37 14.84 -2.00
CA GLY A 39 9.01 14.55 -1.57
C GLY A 39 8.15 15.79 -1.62
N ILE A 40 6.84 15.56 -1.62
CA ILE A 40 5.86 16.62 -1.47
C ILE A 40 5.01 16.34 -0.25
N CYS A 41 4.74 17.36 0.58
CA CYS A 41 3.73 17.18 1.60
C CYS A 41 2.87 18.42 1.68
N HIS A 42 1.89 18.41 2.57
CA HIS A 42 0.92 19.49 2.65
C HIS A 42 1.56 20.81 3.06
N SER A 43 2.70 20.77 3.76
CA SER A 43 3.40 22.01 4.05
C SER A 43 3.87 22.78 2.81
N ASP A 44 4.21 22.07 1.74
CA ASP A 44 4.56 22.73 0.49
C ASP A 44 3.35 23.47 -0.03
N LEU A 45 2.21 22.80 0.05
CA LEU A 45 0.94 23.36 -0.40
C LEU A 45 0.58 24.59 0.43
N SER A 46 0.78 24.49 1.74
CA SER A 46 0.47 25.61 2.63
C SER A 46 1.32 26.83 2.30
N MET A 47 2.59 26.60 1.97
CA MET A 47 3.47 27.70 1.60
C MET A 47 3.08 28.28 0.24
N ILE A 48 2.85 27.40 -0.73
CA ILE A 48 2.39 27.83 -2.05
C ILE A 48 1.16 28.72 -1.94
N ASP A 49 0.25 28.31 -1.04
CA ASP A 49 -1.04 28.98 -0.85
C ASP A 49 -0.97 30.18 0.07
N ASN A 50 0.20 30.41 0.66
CA ASN A 50 0.37 31.44 1.69
C ASN A 50 -0.62 31.28 2.83
N GLU A 51 -0.89 30.04 3.22
CA GLU A 51 -1.84 29.78 4.31
C GLU A 51 -1.41 30.43 5.62
N TRP A 52 -0.10 30.53 5.83
CA TRP A 52 0.43 31.02 7.11
C TRP A 52 0.86 32.47 7.06
N GLY A 53 0.76 33.10 5.89
CA GLY A 53 0.95 34.52 5.77
C GLY A 53 2.37 35.06 5.64
N PHE A 54 3.36 34.18 5.50
CA PHE A 54 4.71 34.68 5.35
C PHE A 54 5.43 34.16 4.12
N SER A 55 4.65 33.70 3.15
CA SER A 55 5.24 33.30 1.86
C SER A 55 5.63 34.52 1.05
N GLN A 56 6.76 34.40 0.37
CA GLN A 56 7.24 35.44 -0.55
C GLN A 56 7.37 34.85 -1.94
N TYR A 57 6.97 35.63 -2.95
CA TYR A 57 6.92 35.15 -4.32
C TYR A 57 7.91 35.91 -5.19
N PRO A 58 8.53 35.22 -6.16
CA PRO A 58 8.37 33.81 -6.55
C PRO A 58 8.80 32.84 -5.45
N LEU A 59 8.01 31.78 -5.28
CA LEU A 59 8.22 30.84 -4.19
C LEU A 59 8.62 29.47 -4.73
N VAL A 60 9.76 28.98 -4.28
CA VAL A 60 10.24 27.68 -4.68
C VAL A 60 10.08 26.74 -3.51
N ALA A 61 9.08 25.87 -3.56
CA ALA A 61 8.87 24.97 -2.42
C ALA A 61 9.73 23.74 -2.57
N GLY A 62 9.40 22.69 -1.79
CA GLY A 62 10.16 21.44 -1.78
C GLY A 62 11.14 21.42 -0.62
N HIS A 63 10.99 20.43 0.26
CA HIS A 63 11.84 20.40 1.47
C HIS A 63 12.06 18.97 1.94
N GLU A 64 12.02 18.02 1.02
CA GLU A 64 12.18 16.61 1.34
C GLU A 64 13.13 16.02 0.30
N VAL A 65 14.33 16.58 0.25
CA VAL A 65 15.29 16.31 -0.82
C VAL A 65 16.29 15.20 -0.54
N ILE A 66 16.42 14.31 -1.50
CA ILE A 66 17.57 13.41 -1.55
C ILE A 66 18.36 13.83 -2.78
N GLY A 67 19.63 14.17 -2.60
CA GLY A 67 20.45 14.62 -3.71
C GLY A 67 21.92 14.36 -3.51
N ARG A 68 22.74 15.04 -4.30
CA ARG A 68 24.19 14.88 -4.19
C ARG A 68 24.86 16.24 -4.03
N VAL A 69 25.91 16.29 -3.21
CA VAL A 69 26.68 17.53 -3.00
C VAL A 69 27.36 17.91 -4.30
N VAL A 70 27.13 19.12 -4.79
CA VAL A 70 27.85 19.54 -5.99
C VAL A 70 28.88 20.61 -5.67
N ALA A 71 28.72 21.31 -4.55
CA ALA A 71 29.68 22.34 -4.16
C ALA A 71 29.64 22.64 -2.66
N LEU A 72 30.78 23.03 -2.09
CA LEU A 72 30.89 23.35 -0.67
C LEU A 72 31.40 24.78 -0.48
N GLY A 73 30.76 25.55 0.39
CA GLY A 73 31.26 26.88 0.74
C GLY A 73 32.60 26.85 1.48
N SER A 74 33.25 28.00 1.59
CA SER A 74 34.59 28.06 2.15
C SER A 74 34.72 27.57 3.58
N ALA A 75 33.65 27.69 4.36
CA ALA A 75 33.64 27.19 5.74
C ALA A 75 32.98 25.81 5.87
N ALA A 76 32.64 25.20 4.73
CA ALA A 76 31.99 23.89 4.73
C ALA A 76 32.84 22.83 4.05
N GLN A 77 34.12 23.14 3.82
CA GLN A 77 34.95 22.22 3.08
C GLN A 77 35.50 21.08 3.95
N ASP A 78 35.50 21.26 5.27
CA ASP A 78 35.94 20.21 6.19
C ASP A 78 34.86 19.95 7.23
N LYS A 79 33.65 19.69 6.73
CA LYS A 79 32.52 19.46 7.61
C LYS A 79 31.90 18.08 7.37
N GLY A 80 32.75 17.10 7.04
CA GLY A 80 32.31 15.72 6.86
C GLY A 80 31.66 15.40 5.52
N LEU A 81 31.56 16.38 4.63
CA LEU A 81 30.87 16.19 3.35
C LEU A 81 31.84 16.30 2.17
N GLN A 82 31.56 15.53 1.11
CA GLN A 82 32.36 15.58 -0.11
C GLN A 82 31.48 15.82 -1.33
N VAL A 83 32.02 16.48 -2.34
CA VAL A 83 31.32 16.57 -3.62
C VAL A 83 30.99 15.16 -4.10
N GLY A 84 29.77 14.96 -4.58
CA GLY A 84 29.28 13.66 -5.01
C GLY A 84 28.52 12.86 -3.95
N GLN A 85 28.70 13.23 -2.69
CA GLN A 85 28.08 12.52 -1.58
C GLN A 85 26.56 12.62 -1.58
N ARG A 86 25.92 11.49 -1.33
CA ARG A 86 24.47 11.48 -1.23
C ARG A 86 24.01 12.04 0.10
N VAL A 87 23.13 13.04 0.02
CA VAL A 87 22.68 13.74 1.23
C VAL A 87 21.21 14.09 1.19
N GLY A 88 20.66 14.47 2.35
CA GLY A 88 19.28 14.90 2.43
C GLY A 88 19.12 16.31 2.97
N ILE A 89 18.07 16.99 2.55
CA ILE A 89 17.69 18.27 3.14
C ILE A 89 16.21 18.24 3.45
N GLY A 90 15.87 18.51 4.72
CA GLY A 90 14.50 18.51 5.20
C GLY A 90 13.86 19.88 5.25
N TRP A 91 12.93 20.05 6.19
CA TRP A 91 12.17 21.28 6.33
C TRP A 91 13.04 22.51 6.64
N THR A 92 14.15 22.29 7.34
CA THR A 92 14.98 23.40 7.82
C THR A 92 16.33 23.51 7.09
N ALA A 93 16.77 24.75 6.84
CA ALA A 93 18.03 24.95 6.11
C ALA A 93 19.10 25.71 6.91
N ARG A 94 18.68 26.45 7.94
CA ARG A 94 19.62 27.32 8.67
C ARG A 94 19.17 27.55 10.12
N SER A 95 20.15 27.64 11.01
CA SER A 95 19.87 28.08 12.39
C SER A 95 21.05 28.93 12.85
N CYS A 96 20.89 29.63 13.98
CA CYS A 96 21.89 30.68 14.31
C CYS A 96 23.19 30.14 14.85
N GLY A 97 23.16 28.98 15.50
CA GLY A 97 24.36 28.32 16.00
C GLY A 97 24.75 28.63 17.43
N HIS A 98 24.35 29.81 17.91
CA HIS A 98 24.97 30.32 19.15
C HIS A 98 24.01 30.45 20.32
N CYS A 99 22.69 30.38 20.08
CA CYS A 99 21.74 30.51 21.18
C CYS A 99 21.80 29.22 22.02
N ASP A 100 21.21 29.23 23.21
CA ASP A 100 21.27 28.04 24.07
C ASP A 100 20.74 26.80 23.33
N ALA A 101 19.65 26.96 22.58
CA ALA A 101 19.08 25.83 21.85
C ALA A 101 20.10 25.32 20.83
N CYS A 102 20.65 26.20 20.01
CA CYS A 102 21.57 25.74 19.00
C CYS A 102 22.85 25.09 19.55
N ILE A 103 23.47 25.77 20.52
CA ILE A 103 24.78 25.33 21.00
C ILE A 103 24.68 24.00 21.76
N SER A 104 23.50 23.70 22.28
CA SER A 104 23.27 22.46 23.00
C SER A 104 22.84 21.30 22.11
N GLY A 105 22.80 21.50 20.80
CA GLY A 105 22.40 20.41 19.91
C GLY A 105 20.90 20.36 19.67
N ASN A 106 20.23 21.47 19.96
CA ASN A 106 18.78 21.56 19.76
C ASN A 106 18.44 22.61 18.71
N GLN A 107 19.10 22.50 17.55
CA GLN A 107 19.11 23.59 16.57
C GLN A 107 17.72 23.88 16.01
N ILE A 108 16.83 22.88 15.97
CA ILE A 108 15.48 23.13 15.44
C ILE A 108 14.69 24.10 16.34
N ASN A 109 15.11 24.22 17.60
CA ASN A 109 14.49 25.13 18.54
C ASN A 109 15.19 26.47 18.62
N CYS A 110 16.06 26.81 17.65
CA CYS A 110 16.85 28.06 17.81
C CYS A 110 15.90 29.23 18.05
N GLU A 111 16.42 30.02 18.97
CA GLU A 111 15.73 31.14 19.56
C GLU A 111 15.35 32.21 18.54
N GLN A 112 16.10 32.27 17.44
CA GLN A 112 15.82 33.26 16.38
C GLN A 112 14.75 32.76 15.42
N GLY A 113 14.43 31.47 15.54
CA GLY A 113 13.57 30.82 14.58
C GLY A 113 14.40 30.19 13.49
N ALA A 114 14.44 28.86 13.45
CA ALA A 114 15.20 28.17 12.41
C ALA A 114 14.58 28.47 11.06
N VAL A 115 15.40 28.62 10.03
CA VAL A 115 14.93 29.09 8.74
C VAL A 115 14.43 27.92 7.88
N PRO A 116 13.18 27.97 7.43
CA PRO A 116 12.69 26.92 6.52
C PRO A 116 13.45 26.92 5.20
N THR A 117 13.72 25.73 4.71
CA THR A 117 14.33 25.50 3.41
C THR A 117 13.60 26.25 2.29
N ILE A 118 12.27 26.23 2.33
CA ILE A 118 11.46 26.91 1.32
C ILE A 118 11.75 28.43 1.28
N MET A 119 12.04 29.02 2.44
CA MET A 119 12.33 30.46 2.47
C MET A 119 13.57 30.87 1.72
N ASN A 120 14.53 29.97 1.71
N ASN A 120 14.63 30.07 1.71
CA ASN A 120 15.80 30.12 1.03
CA ASN A 120 15.76 30.44 0.87
C ASN A 120 15.78 29.62 -0.39
C ASN A 120 15.78 29.65 -0.43
N ARG A 121 14.58 29.21 -0.85
CA ARG A 121 14.32 28.54 -2.13
C ARG A 121 14.60 27.05 -1.96
N GLY A 122 13.57 26.27 -2.23
CA GLY A 122 13.57 24.85 -1.90
C GLY A 122 13.94 23.90 -3.01
N GLY A 123 13.48 22.66 -2.85
CA GLY A 123 13.92 21.53 -3.66
C GLY A 123 13.10 21.20 -4.91
N PHE A 124 12.07 22.00 -5.16
CA PHE A 124 11.33 21.88 -6.44
C PHE A 124 12.19 22.55 -7.53
N ALA A 125 13.35 21.95 -7.80
CA ALA A 125 14.37 22.60 -8.61
C ALA A 125 15.47 21.61 -8.94
N GLU A 126 16.38 22.01 -9.83
CA GLU A 126 17.53 21.18 -10.16
C GLU A 126 18.53 21.13 -9.01
N LYS A 127 18.60 22.23 -8.26
CA LYS A 127 19.59 22.41 -7.20
C LYS A 127 18.98 23.24 -6.09
N LEU A 128 19.51 23.12 -4.88
CA LEU A 128 19.22 24.11 -3.83
C LEU A 128 20.43 24.22 -2.94
N ARG A 129 20.34 25.13 -1.98
CA ARG A 129 21.39 25.30 -0.99
C ARG A 129 20.84 25.28 0.45
N ALA A 130 21.69 24.83 1.37
CA ALA A 130 21.37 24.88 2.80
C ALA A 130 22.66 25.00 3.59
N ASP A 131 22.57 25.40 4.84
N ASP A 131 22.57 25.42 4.85
CA ASP A 131 23.74 25.35 5.71
CA ASP A 131 23.73 25.40 5.76
C ASP A 131 24.23 23.93 5.89
C ASP A 131 24.22 23.97 5.95
N TRP A 132 25.54 23.75 5.99
CA TRP A 132 26.08 22.42 6.10
C TRP A 132 25.50 21.64 7.30
N GLN A 133 25.16 22.33 8.39
CA GLN A 133 24.62 21.61 9.57
C GLN A 133 23.33 20.88 9.26
N TRP A 134 22.61 21.40 8.28
CA TRP A 134 21.27 20.89 7.95
C TRP A 134 21.29 19.99 6.72
N VAL A 135 22.48 19.70 6.21
CA VAL A 135 22.63 18.77 5.11
C VAL A 135 22.96 17.42 5.72
N ILE A 136 21.99 16.50 5.63
CA ILE A 136 22.04 15.26 6.40
C ILE A 136 22.76 14.17 5.63
N PRO A 137 23.84 13.64 6.19
CA PRO A 137 24.53 12.53 5.52
C PRO A 137 23.68 11.28 5.64
N LEU A 138 23.82 10.41 4.65
CA LEU A 138 22.96 9.25 4.54
C LEU A 138 23.74 7.96 4.61
N PRO A 139 23.11 6.90 5.12
CA PRO A 139 23.73 5.57 5.10
C PRO A 139 24.00 5.08 3.69
N GLU A 140 25.07 4.30 3.50
CA GLU A 140 25.42 3.87 2.15
C GLU A 140 24.32 3.04 1.50
N ASN A 141 23.61 2.26 2.30
CA ASN A 141 22.63 1.36 1.69
C ASN A 141 21.18 1.86 1.74
N ILE A 142 20.98 3.14 2.00
CA ILE A 142 19.58 3.56 2.10
C ILE A 142 18.93 3.58 0.71
N ASP A 143 17.63 3.26 0.68
CA ASP A 143 16.87 3.38 -0.56
C ASP A 143 16.59 4.85 -0.85
N ILE A 144 17.25 5.40 -1.87
CA ILE A 144 17.14 6.82 -2.07
C ILE A 144 15.81 7.27 -2.67
N GLU A 145 15.11 6.38 -3.39
CA GLU A 145 13.84 6.79 -3.99
C GLU A 145 12.74 7.02 -2.98
N SER A 146 12.75 6.29 -1.87
CA SER A 146 11.71 6.44 -0.86
C SER A 146 12.18 7.23 0.38
N ALA A 147 13.44 7.67 0.40
CA ALA A 147 13.97 8.23 1.63
C ALA A 147 13.51 9.66 1.90
N GLY A 148 13.22 10.43 0.86
CA GLY A 148 12.87 11.83 1.02
C GLY A 148 11.86 12.14 2.11
N PRO A 149 10.71 11.47 2.09
CA PRO A 149 9.74 11.81 3.12
C PRO A 149 10.18 11.47 4.55
N LEU A 150 11.17 10.61 4.74
CA LEU A 150 11.68 10.36 6.10
C LEU A 150 12.22 11.64 6.72
N LEU A 151 12.67 12.57 5.87
CA LEU A 151 13.25 13.82 6.37
C LEU A 151 12.23 14.80 6.93
N CYS A 152 10.93 14.65 6.59
CA CYS A 152 9.78 15.58 6.95
C CYS A 152 8.87 14.65 7.82
N GLY A 153 8.18 13.74 7.16
CA GLY A 153 7.18 12.95 7.88
C GLY A 153 7.82 12.00 8.87
N GLY A 154 8.93 11.38 8.45
CA GLY A 154 9.61 10.42 9.28
C GLY A 154 10.09 11.03 10.58
N ILE A 155 10.82 12.14 10.50
CA ILE A 155 11.37 12.74 11.72
C ILE A 155 10.22 13.28 12.58
N THR A 156 9.13 13.69 11.94
CA THR A 156 7.99 14.19 12.70
C THR A 156 7.39 13.13 13.63
N VAL A 157 7.29 11.88 13.17
CA VAL A 157 6.73 10.86 14.04
C VAL A 157 7.80 10.12 14.85
N PHE A 158 9.07 10.22 14.46
CA PHE A 158 10.19 9.65 15.22
C PHE A 158 10.48 10.47 16.49
N LYS A 159 10.42 11.80 16.35
CA LYS A 159 10.80 12.67 17.46
C LYS A 159 10.02 12.40 18.78
N PRO A 160 8.68 12.19 18.74
CA PRO A 160 8.04 11.90 20.02
C PRO A 160 8.53 10.59 20.65
N LEU A 161 9.03 9.67 19.82
CA LEU A 161 9.53 8.40 20.36
C LEU A 161 10.78 8.68 21.17
N LEU A 162 11.52 9.70 20.76
CA LEU A 162 12.69 10.14 21.51
C LEU A 162 12.30 10.94 22.76
N MET A 163 11.38 11.89 22.59
CA MET A 163 10.98 12.78 23.67
C MET A 163 10.40 12.01 24.84
N HIS A 164 9.65 10.95 24.56
CA HIS A 164 8.99 10.21 25.62
C HIS A 164 9.65 8.87 25.92
N HIS A 165 10.86 8.69 25.40
CA HIS A 165 11.71 7.56 25.80
C HIS A 165 11.02 6.23 25.56
N ILE A 166 10.48 6.09 24.36
CA ILE A 166 9.74 4.90 23.99
C ILE A 166 10.67 3.72 23.78
N THR A 167 10.29 2.59 24.37
CA THR A 167 11.04 1.35 24.16
C THR A 167 10.11 0.23 23.68
N ALA A 168 10.67 -0.96 23.48
CA ALA A 168 9.89 -2.05 22.97
C ALA A 168 8.69 -2.45 23.87
N THR A 169 8.75 -2.13 25.15
CA THR A 169 7.66 -2.54 26.02
C THR A 169 6.59 -1.49 26.12
N SER A 170 6.80 -0.36 25.45
CA SER A 170 5.80 0.71 25.46
C SER A 170 4.56 0.34 24.70
N ARG A 171 3.42 0.77 25.23
CA ARG A 171 2.15 0.60 24.56
C ARG A 171 1.78 1.92 23.92
N VAL A 172 1.70 1.93 22.58
CA VAL A 172 1.62 3.18 21.85
C VAL A 172 0.42 3.17 20.91
N GLY A 173 -0.35 4.25 20.93
CA GLY A 173 -1.45 4.39 19.97
C GLY A 173 -1.11 5.46 18.94
N VAL A 174 -1.63 5.29 17.74
CA VAL A 174 -1.41 6.24 16.65
C VAL A 174 -2.76 6.62 16.08
N ILE A 175 -3.10 7.92 16.15
CA ILE A 175 -4.36 8.39 15.59
C ILE A 175 -4.12 8.89 14.18
N GLY A 176 -4.85 8.29 13.22
CA GLY A 176 -4.67 8.63 11.82
C GLY A 176 -3.75 7.66 11.12
N ILE A 177 -4.12 7.12 9.95
CA ILE A 177 -3.23 6.17 9.26
C ILE A 177 -2.99 6.62 7.81
N GLY A 178 -2.72 7.90 7.67
CA GLY A 178 -2.37 8.44 6.37
C GLY A 178 -0.86 8.60 6.23
N GLY A 179 -0.46 9.69 5.59
CA GLY A 179 0.94 9.95 5.35
C GLY A 179 1.81 9.83 6.60
N LEU A 180 1.42 10.51 7.67
CA LEU A 180 2.22 10.44 8.90
C LEU A 180 1.98 9.15 9.67
N GLY A 181 0.72 8.77 9.80
CA GLY A 181 0.36 7.63 10.64
C GLY A 181 0.99 6.33 10.16
N HIS A 182 1.05 6.13 8.85
CA HIS A 182 1.57 4.87 8.36
C HIS A 182 3.08 4.76 8.64
N ILE A 183 3.81 5.88 8.61
CA ILE A 183 5.24 5.83 8.92
C ILE A 183 5.43 5.62 10.42
N ALA A 184 4.57 6.23 11.23
CA ALA A 184 4.62 6.01 12.68
C ALA A 184 4.44 4.54 13.02
N ILE A 185 3.46 3.91 12.38
CA ILE A 185 3.23 2.49 12.62
C ILE A 185 4.44 1.64 12.20
N LYS A 186 5.02 1.92 11.04
N LYS A 186 5.01 1.93 11.04
CA LYS A 186 6.19 1.16 10.61
CA LYS A 186 6.19 1.19 10.58
C LYS A 186 7.36 1.33 11.57
C LYS A 186 7.35 1.33 11.55
N LEU A 187 7.59 2.55 12.03
CA LEU A 187 8.70 2.77 12.96
C LEU A 187 8.48 2.08 14.31
N LEU A 188 7.28 2.18 14.84
CA LEU A 188 6.92 1.56 16.12
C LEU A 188 7.07 0.06 16.04
N HIS A 189 6.64 -0.51 14.92
CA HIS A 189 6.76 -1.96 14.74
C HIS A 189 8.24 -2.36 14.73
N ALA A 190 9.08 -1.60 14.04
CA ALA A 190 10.53 -1.86 14.00
C ALA A 190 11.15 -1.78 15.39
N MET A 191 10.53 -1.02 16.28
CA MET A 191 10.99 -0.89 17.66
C MET A 191 10.46 -1.96 18.60
N GLY A 192 9.59 -2.83 18.08
CA GLY A 192 9.03 -3.93 18.84
C GLY A 192 7.87 -3.58 19.74
N CYS A 193 7.36 -2.35 19.62
CA CYS A 193 6.31 -1.85 20.51
C CYS A 193 4.98 -2.55 20.30
N GLU A 194 4.10 -2.47 21.30
CA GLU A 194 2.72 -2.92 21.10
C GLU A 194 1.92 -1.73 20.54
N VAL A 195 1.38 -1.87 19.33
CA VAL A 195 0.86 -0.73 18.58
C VAL A 195 -0.64 -0.84 18.29
N THR A 196 -1.37 0.20 18.65
CA THR A 196 -2.79 0.29 18.29
C THR A 196 -3.01 1.45 17.35
N ALA A 197 -3.72 1.21 16.25
CA ALA A 197 -4.02 2.28 15.34
C ALA A 197 -5.46 2.71 15.52
N PHE A 198 -5.70 4.00 15.46
CA PHE A 198 -7.05 4.53 15.51
C PHE A 198 -7.38 5.11 14.15
N SER A 199 -8.40 4.56 13.50
CA SER A 199 -8.78 5.04 12.19
C SER A 199 -10.26 5.32 12.04
N SER A 200 -10.60 5.97 10.93
CA SER A 200 -11.98 6.25 10.61
C SER A 200 -12.73 4.99 10.17
N ASN A 201 -12.03 4.07 9.53
CA ASN A 201 -12.62 3.01 8.74
C ASN A 201 -12.04 1.65 8.96
N PRO A 202 -12.03 1.15 10.22
CA PRO A 202 -11.32 -0.08 10.63
C PRO A 202 -11.43 -1.30 9.71
N ALA A 203 -12.62 -1.58 9.15
CA ALA A 203 -12.84 -2.82 8.39
C ALA A 203 -12.25 -2.78 7.00
N LYS A 204 -12.23 -1.58 6.47
CA LYS A 204 -11.53 -1.36 5.25
C LYS A 204 -10.11 -0.89 5.60
N GLU A 205 -9.66 -1.27 6.79
CA GLU A 205 -8.24 -1.25 7.02
C GLU A 205 -7.65 -2.30 7.95
N GLN A 206 -7.89 -3.56 7.65
CA GLN A 206 -7.03 -4.62 8.19
C GLN A 206 -5.65 -4.49 7.52
N GLU A 207 -5.55 -3.61 6.50
CA GLU A 207 -4.28 -3.20 5.87
C GLU A 207 -3.36 -2.62 6.94
N VAL A 208 -3.95 -1.96 7.92
CA VAL A 208 -3.16 -1.30 8.95
C VAL A 208 -2.46 -2.32 9.84
N LEU A 209 -3.10 -3.49 10.04
CA LEU A 209 -2.45 -4.56 10.78
C LEU A 209 -1.17 -4.97 10.06
N ALA A 210 -1.26 -5.07 8.74
CA ALA A 210 -0.11 -5.49 7.94
C ALA A 210 1.03 -4.47 8.02
N MET A 211 0.68 -3.18 8.15
CA MET A 211 1.66 -2.09 8.29
C MET A 211 2.50 -2.24 9.55
N GLY A 212 1.97 -2.97 10.53
CA GLY A 212 2.68 -3.14 11.79
C GLY A 212 1.86 -2.91 13.05
N ALA A 213 0.55 -2.62 12.91
CA ALA A 213 -0.32 -2.44 14.08
C ALA A 213 -0.75 -3.79 14.63
N ASP A 214 -0.83 -3.87 15.95
CA ASP A 214 -1.30 -5.07 16.62
C ASP A 214 -2.82 -5.09 16.73
N LYS A 215 -3.40 -3.90 16.84
CA LYS A 215 -4.84 -3.69 17.02
C LYS A 215 -5.28 -2.44 16.26
N VAL A 216 -6.51 -2.45 15.75
CA VAL A 216 -7.06 -1.30 15.05
C VAL A 216 -8.45 -1.01 15.60
N VAL A 217 -8.67 0.26 15.97
CA VAL A 217 -9.89 0.70 16.65
C VAL A 217 -10.47 1.89 15.91
N ASN A 218 -11.80 2.03 15.86
CA ASN A 218 -12.39 3.23 15.26
C ASN A 218 -12.15 4.49 16.09
N SER A 219 -11.71 5.56 15.44
CA SER A 219 -11.21 6.74 16.14
C SER A 219 -12.29 7.59 16.80
N ARG A 220 -13.55 7.20 16.58
N ARG A 220 -13.56 7.22 16.60
CA ARG A 220 -14.70 7.95 17.07
CA ARG A 220 -14.65 7.97 17.21
C ARG A 220 -15.64 7.08 17.91
C ARG A 220 -15.65 7.07 17.95
N ASP A 221 -15.44 5.76 17.86
CA ASP A 221 -16.28 4.80 18.60
C ASP A 221 -16.12 4.90 20.11
N PRO A 222 -17.13 5.45 20.79
CA PRO A 222 -17.05 5.76 22.23
C PRO A 222 -16.83 4.54 23.12
N GLN A 223 -17.49 3.42 22.83
CA GLN A 223 -17.38 2.26 23.69
C GLN A 223 -16.01 1.64 23.59
N ALA A 224 -15.52 1.55 22.36
CA ALA A 224 -14.20 1.00 22.11
C ALA A 224 -13.14 1.82 22.86
N LEU A 225 -13.26 3.13 22.77
CA LEU A 225 -12.26 4.02 23.37
C LEU A 225 -12.33 3.99 24.89
N LYS A 226 -13.55 3.95 25.44
CA LYS A 226 -13.69 3.86 26.89
C LYS A 226 -13.08 2.59 27.45
N ALA A 227 -13.19 1.49 26.69
CA ALA A 227 -12.66 0.21 27.13
C ALA A 227 -11.14 0.24 27.22
N LEU A 228 -10.53 1.24 26.59
CA LEU A 228 -9.08 1.38 26.60
C LEU A 228 -8.55 2.35 27.66
N ALA A 229 -9.41 2.75 28.60
CA ALA A 229 -8.99 3.64 29.68
C ALA A 229 -7.74 3.12 30.37
N GLY A 230 -6.76 4.00 30.55
CA GLY A 230 -5.54 3.69 31.26
C GLY A 230 -4.60 2.71 30.60
N GLN A 231 -4.76 2.45 29.30
CA GLN A 231 -3.96 1.38 28.67
C GLN A 231 -2.63 1.86 28.03
N PHE A 232 -2.51 3.14 27.71
CA PHE A 232 -1.41 3.58 26.82
C PHE A 232 -0.33 4.42 27.45
N ASP A 233 0.91 4.12 27.11
CA ASP A 233 2.02 4.97 27.53
C ASP A 233 2.10 6.25 26.71
N LEU A 234 1.78 6.15 25.43
CA LEU A 234 1.88 7.25 24.49
C LEU A 234 0.79 7.10 23.44
N ILE A 235 0.10 8.19 23.12
CA ILE A 235 -0.80 8.25 21.97
C ILE A 235 -0.35 9.41 21.10
N ILE A 236 0.04 9.11 19.87
CA ILE A 236 0.49 10.11 18.94
C ILE A 236 -0.69 10.48 18.07
N ASN A 237 -1.11 11.74 18.13
CA ASN A 237 -2.10 12.21 17.16
C ASN A 237 -1.41 12.69 15.90
N THR A 238 -1.80 12.17 14.74
CA THR A 238 -1.20 12.63 13.50
C THR A 238 -2.17 13.40 12.61
N VAL A 239 -3.44 13.46 13.01
CA VAL A 239 -4.42 14.12 12.12
C VAL A 239 -4.52 15.61 12.46
N ASN A 240 -4.91 16.42 11.48
CA ASN A 240 -5.04 17.84 11.76
C ASN A 240 -6.50 18.27 11.92
N VAL A 241 -7.40 17.31 11.97
CA VAL A 241 -8.81 17.60 12.24
C VAL A 241 -9.12 17.42 13.71
N SER A 242 -10.25 17.99 14.15
N SER A 242 -10.25 17.97 14.15
CA SER A 242 -10.68 17.89 15.53
CA SER A 242 -10.61 17.86 15.54
C SER A 242 -11.41 16.57 15.76
C SER A 242 -11.44 16.60 15.79
N LEU A 243 -11.06 15.87 16.84
CA LEU A 243 -11.78 14.68 17.28
C LEU A 243 -12.19 14.96 18.71
N ASP A 244 -13.01 14.09 19.29
N ASP A 244 -13.00 14.08 19.29
CA ASP A 244 -13.21 14.12 20.73
CA ASP A 244 -13.20 14.18 20.72
C ASP A 244 -11.92 13.61 21.34
C ASP A 244 -11.95 13.61 21.38
N TRP A 245 -11.10 14.49 21.90
CA TRP A 245 -9.83 14.05 22.44
C TRP A 245 -9.94 13.43 23.82
N GLN A 246 -10.99 13.78 24.55
CA GLN A 246 -11.11 13.35 25.94
C GLN A 246 -10.94 11.83 26.18
N PRO A 247 -11.57 10.97 25.35
CA PRO A 247 -11.36 9.53 25.57
C PRO A 247 -9.91 9.11 25.39
N TYR A 248 -9.17 9.83 24.54
CA TYR A 248 -7.75 9.52 24.34
C TYR A 248 -6.95 9.94 25.57
N PHE A 249 -7.27 11.10 26.16
CA PHE A 249 -6.60 11.47 27.41
C PHE A 249 -6.86 10.40 28.48
N GLU A 250 -8.10 9.89 28.55
CA GLU A 250 -8.43 8.91 29.56
C GLU A 250 -7.83 7.54 29.24
N ALA A 251 -7.40 7.35 28.00
CA ALA A 251 -6.77 6.09 27.61
C ALA A 251 -5.29 6.05 28.00
N LEU A 252 -4.78 7.16 28.54
CA LEU A 252 -3.40 7.20 29.01
C LEU A 252 -3.27 6.54 30.38
N THR A 253 -2.28 5.67 30.53
CA THR A 253 -1.94 5.16 31.84
C THR A 253 -1.33 6.27 32.68
N TYR A 254 -1.00 5.97 33.93
CA TYR A 254 -0.40 7.00 34.77
C TYR A 254 0.97 7.40 34.21
N GLY A 255 1.25 8.69 34.21
CA GLY A 255 2.46 9.18 33.59
C GLY A 255 2.43 9.16 32.07
N GLY A 256 1.31 8.76 31.48
CA GLY A 256 1.16 8.68 30.03
C GLY A 256 1.16 10.02 29.30
N ASN A 257 1.40 9.98 27.99
CA ASN A 257 1.51 11.17 27.17
C ASN A 257 0.63 11.13 25.94
N PHE A 258 -0.16 12.19 25.72
CA PHE A 258 -0.85 12.39 24.46
C PHE A 258 -0.01 13.42 23.73
N HIS A 259 0.43 13.08 22.53
CA HIS A 259 1.39 13.92 21.84
C HIS A 259 0.89 14.23 20.44
N THR A 260 0.69 15.51 20.12
CA THR A 260 0.20 15.81 18.79
C THR A 260 1.30 16.31 17.86
N VAL A 261 1.40 15.67 16.70
CA VAL A 261 2.21 16.19 15.61
C VAL A 261 1.28 16.75 14.52
N GLY A 262 -0.02 16.58 14.71
CA GLY A 262 -0.98 17.21 13.81
C GLY A 262 -1.27 18.63 14.29
N ALA A 263 -1.23 19.58 13.37
CA ALA A 263 -1.47 20.98 13.72
C ALA A 263 -2.98 21.24 13.70
N VAL A 264 -3.64 20.73 14.72
CA VAL A 264 -5.09 20.82 14.88
C VAL A 264 -5.40 22.29 15.10
N LEU A 265 -6.32 22.85 14.32
CA LEU A 265 -6.55 24.31 14.36
C LEU A 265 -7.32 24.76 15.60
N THR A 266 -8.33 23.98 15.97
CA THR A 266 -9.10 24.20 17.20
C THR A 266 -8.31 23.73 18.42
N PRO A 267 -8.12 24.63 19.40
CA PRO A 267 -7.33 24.24 20.58
C PRO A 267 -7.90 23.02 21.28
N LEU A 268 -7.00 22.21 21.81
CA LEU A 268 -7.40 21.05 22.60
C LEU A 268 -8.02 21.51 23.89
N SER A 269 -9.14 20.91 24.27
CA SER A 269 -9.77 21.22 25.54
C SER A 269 -9.26 20.22 26.55
N VAL A 270 -8.44 20.68 27.49
CA VAL A 270 -7.74 19.75 28.37
C VAL A 270 -8.14 19.97 29.83
N PRO A 271 -9.02 19.10 30.36
CA PRO A 271 -9.42 19.33 31.75
C PRO A 271 -8.27 19.14 32.74
N ALA A 272 -8.05 20.11 33.62
CA ALA A 272 -7.01 19.94 34.64
C ALA A 272 -7.24 18.64 35.42
N PHE A 273 -8.49 18.33 35.74
CA PHE A 273 -8.72 17.14 36.55
C PHE A 273 -8.25 15.86 35.87
N THR A 274 -8.40 15.80 34.55
CA THR A 274 -7.98 14.63 33.80
C THR A 274 -6.46 14.49 33.84
N LEU A 275 -5.77 15.61 33.70
CA LEU A 275 -4.30 15.60 33.83
C LEU A 275 -3.88 15.17 35.23
N ILE A 276 -4.54 15.75 36.21
CA ILE A 276 -4.18 15.53 37.61
C ILE A 276 -4.43 14.08 38.00
N ALA A 277 -5.55 13.51 37.56
CA ALA A 277 -5.97 12.23 38.10
C ALA A 277 -5.07 11.11 37.67
N GLY A 278 -4.43 11.28 36.52
CA GLY A 278 -3.52 10.25 36.07
C GLY A 278 -2.07 10.67 35.88
N ASP A 279 -1.69 11.82 36.43
CA ASP A 279 -0.34 12.34 36.19
C ASP A 279 -0.01 12.35 34.69
N ARG A 280 -0.99 12.82 33.90
CA ARG A 280 -0.87 12.82 32.45
C ARG A 280 -0.31 14.10 31.85
N SER A 281 0.13 13.98 30.60
CA SER A 281 0.68 15.11 29.86
C SER A 281 0.13 15.17 28.45
N VAL A 282 0.03 16.39 27.93
CA VAL A 282 -0.32 16.65 26.54
C VAL A 282 0.82 17.47 25.96
N SER A 283 1.36 17.05 24.82
N SER A 283 1.39 17.00 24.85
CA SER A 283 2.51 17.73 24.25
CA SER A 283 2.59 17.63 24.27
C SER A 283 2.46 17.74 22.74
C SER A 283 2.46 17.77 22.76
N GLY A 284 3.47 18.35 22.14
CA GLY A 284 3.52 18.47 20.70
C GLY A 284 4.95 18.65 20.24
N SER A 285 5.14 18.49 18.92
CA SER A 285 6.42 18.74 18.28
C SER A 285 6.23 18.76 16.78
N ALA A 286 7.25 19.21 16.07
CA ALA A 286 7.31 19.02 14.62
C ALA A 286 8.62 18.32 14.21
N THR A 287 9.43 18.96 13.37
CA THR A 287 10.60 18.26 12.88
C THR A 287 11.77 18.34 13.88
N GLY A 288 12.87 17.68 13.57
CA GLY A 288 13.91 17.46 14.59
C GLY A 288 15.23 18.13 14.28
N THR A 289 16.24 17.76 15.06
CA THR A 289 17.56 18.34 14.93
C THR A 289 18.38 17.64 13.87
N PRO A 290 19.51 18.25 13.48
CA PRO A 290 20.34 17.55 12.49
C PRO A 290 20.79 16.15 12.98
N TYR A 291 21.07 16.04 14.27
CA TYR A 291 21.51 14.76 14.81
C TYR A 291 20.35 13.76 14.78
N GLU A 292 19.16 14.20 15.16
CA GLU A 292 18.03 13.26 15.17
C GLU A 292 17.75 12.78 13.76
N LEU A 293 17.89 13.70 12.81
CA LEU A 293 17.68 13.32 11.41
C LEU A 293 18.71 12.30 10.96
N ARG A 294 19.98 12.55 11.30
CA ARG A 294 21.05 11.64 10.96
C ARG A 294 20.79 10.23 11.52
N LYS A 295 20.36 10.19 12.78
CA LYS A 295 20.03 8.94 13.45
C LYS A 295 18.83 8.23 12.83
N LEU A 296 17.80 8.98 12.48
CA LEU A 296 16.63 8.35 11.88
C LEU A 296 16.97 7.71 10.54
N MET A 297 17.74 8.42 9.71
CA MET A 297 18.03 7.84 8.40
C MET A 297 18.84 6.54 8.57
N ARG A 298 19.76 6.50 9.53
CA ARG A 298 20.49 5.27 9.83
C ARG A 298 19.56 4.16 10.28
N PHE A 299 18.66 4.51 11.20
CA PHE A 299 17.79 3.50 11.76
C PHE A 299 16.86 2.94 10.68
N ALA A 300 16.31 3.84 9.89
CA ALA A 300 15.40 3.41 8.83
C ALA A 300 16.12 2.51 7.83
N ALA A 301 17.34 2.85 7.43
CA ALA A 301 18.07 2.01 6.45
C ALA A 301 18.36 0.63 7.02
N ARG A 302 18.76 0.58 8.29
CA ARG A 302 19.13 -0.68 8.90
C ARG A 302 17.91 -1.55 9.13
N SER A 303 16.81 -0.92 9.55
N SER A 303 16.80 -0.93 9.54
CA SER A 303 15.57 -1.64 9.84
CA SER A 303 15.58 -1.66 9.84
C SER A 303 14.76 -1.96 8.60
C SER A 303 14.74 -1.94 8.60
N LYS A 304 15.18 -1.41 7.46
CA LYS A 304 14.45 -1.51 6.19
C LYS A 304 13.03 -0.96 6.29
N VAL A 305 12.91 0.16 6.98
CA VAL A 305 11.67 0.92 7.09
C VAL A 305 11.68 2.03 6.04
N ALA A 306 10.67 2.04 5.19
CA ALA A 306 10.54 3.12 4.22
C ALA A 306 9.07 3.51 4.09
N PRO A 307 8.82 4.79 3.85
CA PRO A 307 7.46 5.23 3.56
C PRO A 307 6.96 4.58 2.28
N THR A 308 5.65 4.37 2.21
CA THR A 308 5.01 3.97 0.97
C THR A 308 4.89 5.21 0.10
N THR A 309 5.58 5.21 -1.04
CA THR A 309 5.66 6.41 -1.87
C THR A 309 5.05 6.14 -3.24
N GLU A 310 4.85 7.20 -4.04
CA GLU A 310 4.65 7.01 -5.46
C GLU A 310 5.38 8.13 -6.22
N LEU A 311 6.11 7.73 -7.24
CA LEU A 311 6.94 8.66 -8.03
C LEU A 311 6.17 9.42 -9.10
N PHE A 312 6.48 10.72 -9.20
CA PHE A 312 6.05 11.57 -10.30
C PHE A 312 7.30 12.18 -10.86
N PRO A 313 7.37 12.33 -12.19
CA PRO A 313 8.46 13.13 -12.77
C PRO A 313 8.31 14.61 -12.41
N MET A 314 9.45 15.25 -12.17
N MET A 314 9.43 15.29 -12.18
CA MET A 314 9.53 16.66 -11.85
CA MET A 314 9.35 16.69 -11.78
C MET A 314 8.84 17.51 -12.90
C MET A 314 8.78 17.53 -12.92
N SER A 315 8.98 17.09 -14.16
CA SER A 315 8.36 17.79 -15.29
C SER A 315 6.83 17.80 -15.18
N LYS A 316 6.25 16.89 -14.41
CA LYS A 316 4.82 16.92 -14.15
C LYS A 316 4.50 17.38 -12.73
N ILE A 317 5.28 18.31 -12.21
CA ILE A 317 5.11 18.71 -10.83
C ILE A 317 3.73 19.28 -10.51
N ASN A 318 3.11 19.98 -11.46
CA ASN A 318 1.78 20.51 -11.17
C ASN A 318 0.72 19.40 -11.06
N ASP A 319 0.88 18.33 -11.83
CA ASP A 319 0.00 17.16 -11.69
C ASP A 319 0.20 16.52 -10.32
N ALA A 320 1.47 16.46 -9.90
CA ALA A 320 1.82 15.85 -8.61
C ALA A 320 1.23 16.66 -7.45
N ILE A 321 1.37 17.99 -7.50
CA ILE A 321 0.78 18.81 -6.46
C ILE A 321 -0.74 18.63 -6.39
N GLN A 322 -1.41 18.60 -7.53
CA GLN A 322 -2.86 18.45 -7.53
C GLN A 322 -3.28 17.10 -6.94
N HIS A 323 -2.47 16.09 -7.22
CA HIS A 323 -2.65 14.74 -6.70
C HIS A 323 -2.66 14.79 -5.18
N VAL A 324 -1.67 15.49 -4.62
CA VAL A 324 -1.65 15.66 -3.18
C VAL A 324 -2.84 16.47 -2.69
N ARG A 325 -3.18 17.57 -3.39
CA ARG A 325 -4.31 18.41 -2.97
C ARG A 325 -5.61 17.62 -2.89
N ASP A 326 -5.77 16.73 -3.86
CA ASP A 326 -7.01 15.95 -4.01
C ASP A 326 -7.09 14.78 -3.03
N GLY A 327 -6.06 14.58 -2.22
CA GLY A 327 -6.06 13.52 -1.22
C GLY A 327 -5.75 12.14 -1.80
N LYS A 328 -5.12 12.11 -2.97
CA LYS A 328 -4.88 10.85 -3.67
C LYS A 328 -3.54 10.18 -3.32
N ALA A 329 -2.66 10.87 -2.57
CA ALA A 329 -1.37 10.30 -2.26
C ALA A 329 -1.47 9.00 -1.51
N ARG A 330 -0.71 8.00 -1.98
CA ARG A 330 -0.68 6.70 -1.32
C ARG A 330 0.75 6.22 -1.13
N TYR A 331 1.45 6.72 -0.10
CA TYR A 331 0.93 7.67 0.86
C TYR A 331 1.71 8.97 0.82
N ARG A 332 2.86 8.95 0.17
CA ARG A 332 3.70 10.15 0.04
C ARG A 332 4.15 10.30 -1.41
N VAL A 333 3.84 11.45 -2.02
CA VAL A 333 4.30 11.68 -3.38
C VAL A 333 5.78 12.08 -3.39
N VAL A 334 6.56 11.47 -4.28
CA VAL A 334 7.97 11.84 -4.45
C VAL A 334 8.25 12.25 -5.90
N LEU A 335 8.84 13.42 -6.10
CA LEU A 335 9.25 13.86 -7.43
C LEU A 335 10.60 13.32 -7.81
N LYS A 336 10.73 12.79 -9.02
CA LYS A 336 12.03 12.41 -9.54
C LYS A 336 12.56 13.49 -10.47
N ALA A 337 13.74 14.00 -10.16
CA ALA A 337 14.33 15.05 -10.99
C ALA A 337 14.66 14.48 -12.36
N ASP A 338 14.17 15.15 -13.41
CA ASP A 338 14.29 14.64 -14.77
C ASP A 338 14.76 15.71 -15.76
N MET B 3 5.71 2.90 -28.19
CA MET B 3 6.37 2.05 -27.18
C MET B 3 5.62 2.02 -25.85
N ILE B 4 5.67 0.87 -25.18
CA ILE B 4 5.15 0.71 -23.83
C ILE B 4 6.30 0.35 -22.87
N LYS B 5 6.42 1.12 -21.78
CA LYS B 5 7.40 0.83 -20.74
C LYS B 5 6.82 -0.17 -19.75
N SER B 6 7.64 -1.15 -19.39
CA SER B 6 7.22 -2.25 -18.55
C SER B 6 8.33 -2.67 -17.62
N TYR B 7 8.02 -3.56 -16.69
CA TYR B 7 9.00 -4.20 -15.85
C TYR B 7 9.09 -5.65 -16.27
N ALA B 8 10.21 -6.03 -16.87
CA ALA B 8 10.32 -7.37 -17.45
C ALA B 8 11.42 -8.21 -16.81
N ALA B 9 11.17 -9.50 -16.71
CA ALA B 9 12.23 -10.48 -16.40
C ALA B 9 12.99 -10.84 -17.67
N LYS B 10 14.31 -10.86 -17.60
CA LYS B 10 15.09 -11.16 -18.80
C LYS B 10 15.50 -12.62 -18.88
N GLU B 11 15.37 -13.32 -17.75
CA GLU B 11 15.68 -14.73 -17.67
C GLU B 11 14.86 -15.36 -16.56
N ALA B 12 14.72 -16.67 -16.56
CA ALA B 12 13.96 -17.38 -15.53
C ALA B 12 14.47 -17.06 -14.13
N GLY B 13 13.55 -16.65 -13.26
CA GLY B 13 13.88 -16.28 -11.90
C GLY B 13 14.60 -14.95 -11.72
N GLY B 14 14.73 -14.19 -12.80
CA GLY B 14 15.48 -12.94 -12.74
C GLY B 14 14.70 -11.79 -12.13
N GLU B 15 15.43 -10.77 -11.68
CA GLU B 15 14.79 -9.56 -11.17
C GLU B 15 14.24 -8.76 -12.32
N LEU B 16 13.25 -7.93 -12.06
CA LEU B 16 12.64 -7.21 -13.16
C LEU B 16 13.42 -5.95 -13.48
N GLU B 17 13.49 -5.61 -14.76
CA GLU B 17 14.16 -4.40 -15.23
C GLU B 17 13.21 -3.60 -16.11
N VAL B 18 13.42 -2.29 -16.18
CA VAL B 18 12.63 -1.48 -17.09
C VAL B 18 12.89 -1.96 -18.53
N TYR B 19 11.81 -2.16 -19.26
CA TYR B 19 11.88 -2.73 -20.58
C TYR B 19 10.81 -2.12 -21.46
N GLU B 20 11.22 -1.62 -22.62
CA GLU B 20 10.28 -1.06 -23.58
C GLU B 20 10.00 -2.04 -24.70
N TYR B 21 8.73 -2.18 -25.06
CA TYR B 21 8.39 -3.05 -26.17
C TYR B 21 7.38 -2.33 -27.04
N ASP B 22 7.34 -2.72 -28.30
CA ASP B 22 6.41 -2.13 -29.24
C ASP B 22 5.30 -3.13 -29.48
N PRO B 23 4.08 -2.78 -29.04
CA PRO B 23 2.88 -3.62 -29.18
C PRO B 23 2.33 -3.58 -30.60
N GLY B 24 2.91 -2.74 -31.44
CA GLY B 24 2.38 -2.51 -32.76
C GLY B 24 1.06 -1.78 -32.68
N GLU B 25 0.36 -1.70 -33.80
CA GLU B 25 -0.93 -1.03 -33.89
C GLU B 25 -1.98 -1.83 -33.12
N LEU B 26 -2.85 -1.11 -32.42
CA LEU B 26 -3.94 -1.74 -31.69
C LEU B 26 -4.78 -2.62 -32.62
N ARG B 27 -4.90 -3.92 -32.30
CA ARG B 27 -5.77 -4.87 -33.00
C ARG B 27 -7.22 -4.37 -32.98
N PRO B 28 -8.01 -4.73 -33.99
CA PRO B 28 -9.38 -4.22 -33.99
C PRO B 28 -10.19 -4.62 -32.74
N GLN B 29 -9.96 -5.80 -32.19
CA GLN B 29 -10.80 -6.16 -31.05
C GLN B 29 -10.15 -5.85 -29.70
N ASP B 30 -8.96 -5.26 -29.75
CA ASP B 30 -8.25 -5.01 -28.50
C ASP B 30 -8.66 -3.69 -27.87
N VAL B 31 -8.39 -3.60 -26.57
CA VAL B 31 -8.59 -2.41 -25.75
C VAL B 31 -7.24 -2.13 -25.07
N GLU B 32 -6.78 -0.88 -25.12
CA GLU B 32 -5.58 -0.51 -24.39
C GLU B 32 -5.98 0.13 -23.08
N VAL B 33 -5.35 -0.32 -21.99
CA VAL B 33 -5.70 0.10 -20.65
C VAL B 33 -4.48 0.69 -19.96
N GLN B 34 -4.65 1.88 -19.40
N GLN B 34 -4.65 1.88 -19.40
CA GLN B 34 -3.63 2.52 -18.56
CA GLN B 34 -3.61 2.50 -18.57
C GLN B 34 -3.73 1.92 -17.16
C GLN B 34 -3.73 1.92 -17.17
N VAL B 35 -2.63 1.39 -16.64
CA VAL B 35 -2.66 0.72 -15.33
C VAL B 35 -2.71 1.74 -14.23
N ASP B 36 -3.68 1.60 -13.32
CA ASP B 36 -3.67 2.37 -12.07
C ASP B 36 -3.17 1.53 -10.91
N TYR B 37 -3.60 0.26 -10.84
CA TYR B 37 -3.13 -0.70 -9.85
C TYR B 37 -2.96 -2.05 -10.50
N CYS B 38 -2.03 -2.84 -9.97
CA CYS B 38 -1.93 -4.23 -10.40
C CYS B 38 -1.57 -5.11 -9.21
N GLY B 39 -2.41 -6.08 -8.92
CA GLY B 39 -2.09 -7.03 -7.88
C GLY B 39 -0.93 -7.95 -8.24
N ILE B 40 -0.33 -8.57 -7.24
CA ILE B 40 0.65 -9.61 -7.48
C ILE B 40 0.16 -10.91 -6.87
N CYS B 41 0.27 -12.03 -7.58
CA CYS B 41 0.06 -13.28 -6.87
C CYS B 41 1.11 -14.31 -7.26
N HIS B 42 1.03 -15.50 -6.66
CA HIS B 42 2.12 -16.44 -6.91
C HIS B 42 2.18 -16.91 -8.36
N SER B 43 1.08 -16.80 -9.12
CA SER B 43 1.17 -17.17 -10.53
C SER B 43 2.10 -16.23 -11.32
N ASP B 44 2.23 -14.98 -10.89
CA ASP B 44 3.22 -14.09 -11.52
C ASP B 44 4.62 -14.61 -11.26
N LEU B 45 4.83 -15.05 -10.03
CA LEU B 45 6.13 -15.58 -9.62
C LEU B 45 6.41 -16.87 -10.39
N SER B 46 5.42 -17.75 -10.48
CA SER B 46 5.60 -19.00 -11.23
C SER B 46 5.97 -18.69 -12.68
N MET B 47 5.36 -17.68 -13.27
CA MET B 47 5.71 -17.38 -14.66
C MET B 47 7.09 -16.76 -14.77
N ILE B 48 7.41 -15.83 -13.88
CA ILE B 48 8.75 -15.25 -13.87
C ILE B 48 9.82 -16.35 -13.73
N ASP B 49 9.54 -17.33 -12.89
CA ASP B 49 10.50 -18.40 -12.61
C ASP B 49 10.49 -19.52 -13.64
N ASN B 50 9.59 -19.42 -14.62
CA ASN B 50 9.35 -20.51 -15.58
C ASN B 50 9.04 -21.84 -14.91
N GLU B 51 8.19 -21.82 -13.89
CA GLU B 51 7.92 -23.04 -13.14
C GLU B 51 7.23 -24.08 -14.02
N TRP B 52 6.50 -23.63 -15.03
CA TRP B 52 5.66 -24.53 -15.80
C TRP B 52 6.22 -24.79 -17.19
N GLY B 53 7.33 -24.15 -17.50
CA GLY B 53 8.08 -24.44 -18.71
C GLY B 53 7.68 -23.73 -19.98
N PHE B 54 6.69 -22.84 -19.93
CA PHE B 54 6.28 -22.19 -21.18
C PHE B 54 6.46 -20.67 -21.13
N SER B 55 7.27 -20.19 -20.19
CA SER B 55 7.58 -18.76 -20.15
C SER B 55 8.50 -18.36 -21.29
N GLN B 56 8.20 -17.20 -21.90
CA GLN B 56 9.03 -16.58 -22.94
C GLN B 56 9.63 -15.25 -22.43
N TYR B 57 10.94 -15.07 -22.57
CA TYR B 57 11.60 -13.85 -22.09
C TYR B 57 12.05 -12.95 -23.23
N PRO B 58 12.02 -11.61 -23.04
CA PRO B 58 11.59 -10.90 -21.82
C PRO B 58 10.11 -11.13 -21.48
N LEU B 59 9.83 -11.22 -20.19
CA LEU B 59 8.47 -11.59 -19.73
C LEU B 59 7.89 -10.45 -18.92
N VAL B 60 6.72 -9.96 -19.30
CA VAL B 60 6.04 -8.91 -18.55
C VAL B 60 4.85 -9.53 -17.86
N ALA B 61 4.96 -9.74 -16.56
CA ALA B 61 3.88 -10.39 -15.82
C ALA B 61 2.86 -9.37 -15.36
N GLY B 62 2.05 -9.75 -14.37
CA GLY B 62 0.96 -8.92 -13.88
C GLY B 62 -0.36 -9.22 -14.57
N HIS B 63 -1.36 -9.55 -13.78
CA HIS B 63 -2.62 -9.99 -14.39
C HIS B 63 -3.81 -9.66 -13.46
N GLU B 64 -3.67 -8.61 -12.64
CA GLU B 64 -4.72 -8.25 -11.68
C GLU B 64 -4.87 -6.73 -11.71
N VAL B 65 -5.24 -6.24 -12.90
CA VAL B 65 -5.15 -4.83 -13.20
C VAL B 65 -6.45 -4.09 -12.98
N ILE B 66 -6.37 -2.95 -12.30
CA ILE B 66 -7.45 -1.96 -12.32
C ILE B 66 -6.87 -0.77 -13.04
N GLY B 67 -7.57 -0.27 -14.06
CA GLY B 67 -7.05 0.86 -14.83
C GLY B 67 -8.16 1.55 -15.59
N ARG B 68 -7.77 2.30 -16.62
CA ARG B 68 -8.73 3.09 -17.41
C ARG B 68 -8.48 2.85 -18.87
N VAL B 69 -9.57 2.80 -19.64
CA VAL B 69 -9.48 2.64 -21.07
C VAL B 69 -8.80 3.85 -21.67
N VAL B 70 -7.72 3.65 -22.42
CA VAL B 70 -7.14 4.79 -23.09
C VAL B 70 -7.38 4.72 -24.60
N ALA B 71 -7.67 3.54 -25.13
CA ALA B 71 -8.00 3.41 -26.56
C ALA B 71 -8.83 2.16 -26.83
N LEU B 72 -9.76 2.29 -27.76
CA LEU B 72 -10.62 1.18 -28.17
C LEU B 72 -10.29 0.84 -29.61
N GLY B 73 -10.00 -0.42 -29.88
CA GLY B 73 -9.80 -0.87 -31.26
C GLY B 73 -11.01 -0.61 -32.12
N SER B 74 -10.79 -0.59 -33.43
CA SER B 74 -11.85 -0.24 -34.38
C SER B 74 -13.08 -1.10 -34.21
N ALA B 75 -12.86 -2.37 -33.88
CA ALA B 75 -13.96 -3.30 -33.70
C ALA B 75 -14.43 -3.35 -32.25
N ALA B 76 -13.91 -2.47 -31.41
CA ALA B 76 -14.27 -2.46 -30.00
C ALA B 76 -14.89 -1.16 -29.61
N GLN B 77 -15.33 -0.40 -30.61
CA GLN B 77 -15.89 0.92 -30.37
C GLN B 77 -17.31 0.94 -29.86
N ASP B 78 -18.08 -0.10 -30.18
CA ASP B 78 -19.47 -0.16 -29.73
C ASP B 78 -19.66 -1.44 -28.93
N LYS B 79 -18.83 -1.60 -27.91
CA LYS B 79 -18.83 -2.81 -27.10
C LYS B 79 -19.00 -2.49 -25.62
N GLY B 80 -19.73 -1.43 -25.34
CA GLY B 80 -20.10 -1.08 -23.98
C GLY B 80 -19.05 -0.31 -23.20
N LEU B 81 -17.87 -0.14 -23.79
CA LEU B 81 -16.78 0.54 -23.11
C LEU B 81 -16.58 1.95 -23.67
N GLN B 82 -16.08 2.82 -22.82
CA GLN B 82 -15.78 4.20 -23.22
C GLN B 82 -14.37 4.57 -22.81
N VAL B 83 -13.74 5.44 -23.59
CA VAL B 83 -12.43 5.94 -23.17
C VAL B 83 -12.58 6.65 -21.81
N GLY B 84 -11.64 6.39 -20.89
CA GLY B 84 -11.72 6.93 -19.54
C GLY B 84 -12.37 6.02 -18.52
N GLN B 85 -13.09 5.01 -19.01
CA GLN B 85 -13.82 4.15 -18.10
C GLN B 85 -12.90 3.28 -17.26
N ARG B 86 -13.27 3.13 -15.99
CA ARG B 86 -12.48 2.26 -15.12
C ARG B 86 -12.83 0.81 -15.39
N VAL B 87 -11.80 0.00 -15.61
CA VAL B 87 -11.96 -1.38 -16.01
C VAL B 87 -10.94 -2.30 -15.36
N GLY B 88 -11.21 -3.61 -15.39
CA GLY B 88 -10.24 -4.58 -14.88
C GLY B 88 -9.76 -5.55 -15.93
N ILE B 89 -8.54 -6.08 -15.77
CA ILE B 89 -8.09 -7.22 -16.57
C ILE B 89 -7.52 -8.27 -15.61
N GLY B 90 -8.00 -9.51 -15.71
CA GLY B 90 -7.52 -10.57 -14.84
C GLY B 90 -6.52 -11.50 -15.52
N TRP B 91 -6.55 -12.78 -15.13
CA TRP B 91 -5.63 -13.78 -15.65
C TRP B 91 -5.66 -13.93 -17.19
N THR B 92 -6.83 -13.77 -17.80
CA THR B 92 -6.99 -14.03 -19.21
C THR B 92 -7.16 -12.79 -20.07
N ALA B 93 -6.54 -12.75 -21.25
CA ALA B 93 -6.66 -11.58 -22.13
C ALA B 93 -7.37 -11.83 -23.45
N ARG B 94 -7.47 -13.10 -23.85
CA ARG B 94 -8.03 -13.43 -25.16
C ARG B 94 -8.57 -14.86 -25.20
N SER B 95 -9.63 -15.06 -25.98
CA SER B 95 -10.09 -16.41 -26.27
C SER B 95 -10.57 -16.41 -27.72
N CYS B 96 -10.87 -17.59 -28.27
CA CYS B 96 -11.04 -17.66 -29.75
C CYS B 96 -12.39 -17.16 -30.22
N GLY B 97 -13.40 -17.29 -29.36
CA GLY B 97 -14.73 -16.78 -29.65
C GLY B 97 -15.69 -17.75 -30.34
N HIS B 98 -15.16 -18.78 -31.01
CA HIS B 98 -16.00 -19.58 -31.91
C HIS B 98 -16.14 -21.04 -31.53
N CYS B 99 -15.30 -21.55 -30.64
CA CYS B 99 -15.45 -22.93 -30.19
C CYS B 99 -16.71 -23.08 -29.33
N ASP B 100 -17.09 -24.33 -29.05
CA ASP B 100 -18.29 -24.58 -28.25
C ASP B 100 -18.23 -23.85 -26.92
N ALA B 101 -17.06 -23.88 -26.28
CA ALA B 101 -16.90 -23.24 -24.98
C ALA B 101 -17.09 -21.74 -25.11
N CYS B 102 -16.43 -21.14 -26.08
CA CYS B 102 -16.52 -19.71 -26.22
C CYS B 102 -17.92 -19.22 -26.61
N ILE B 103 -18.52 -19.87 -27.60
CA ILE B 103 -19.79 -19.38 -28.13
C ILE B 103 -20.92 -19.53 -27.13
N SER B 104 -20.75 -20.47 -26.19
CA SER B 104 -21.76 -20.74 -25.17
C SER B 104 -21.59 -19.87 -23.91
N GLY B 105 -20.62 -18.96 -23.89
CA GLY B 105 -20.45 -18.11 -22.74
C GLY B 105 -19.49 -18.70 -21.71
N ASN B 106 -18.69 -19.68 -22.14
CA ASN B 106 -17.70 -20.35 -21.28
C ASN B 106 -16.29 -20.12 -21.80
N GLN B 107 -15.95 -18.84 -22.01
CA GLN B 107 -14.75 -18.48 -22.76
C GLN B 107 -13.46 -18.89 -22.05
N ILE B 108 -13.50 -19.03 -20.72
CA ILE B 108 -12.30 -19.43 -19.99
C ILE B 108 -11.92 -20.89 -20.33
N ASN B 109 -12.92 -21.66 -20.79
CA ASN B 109 -12.69 -23.03 -21.20
C ASN B 109 -12.42 -23.18 -22.69
N CYS B 110 -12.07 -22.08 -23.35
CA CYS B 110 -11.73 -22.11 -24.76
C CYS B 110 -10.91 -23.32 -25.17
N GLU B 111 -11.42 -24.01 -26.19
CA GLU B 111 -10.83 -25.23 -26.73
C GLU B 111 -9.39 -25.05 -27.20
N GLN B 112 -9.05 -23.84 -27.66
CA GLN B 112 -7.69 -23.56 -28.12
C GLN B 112 -6.74 -23.21 -26.98
N GLY B 113 -7.30 -23.03 -25.79
CA GLY B 113 -6.56 -22.52 -24.65
C GLY B 113 -6.68 -21.01 -24.58
N ALA B 114 -7.35 -20.52 -23.54
CA ALA B 114 -7.50 -19.08 -23.43
C ALA B 114 -6.13 -18.47 -23.15
N VAL B 115 -5.87 -17.31 -23.71
CA VAL B 115 -4.53 -16.71 -23.65
C VAL B 115 -4.31 -15.92 -22.37
N PRO B 116 -3.35 -16.36 -21.53
CA PRO B 116 -3.07 -15.59 -20.31
C PRO B 116 -2.53 -14.21 -20.63
N THR B 117 -3.05 -13.25 -19.87
CA THR B 117 -2.59 -11.87 -19.87
C THR B 117 -1.07 -11.77 -19.85
N ILE B 118 -0.43 -12.62 -19.07
CA ILE B 118 1.03 -12.55 -18.98
C ILE B 118 1.78 -12.71 -20.32
N MET B 119 1.21 -13.71 -21.02
N MET B 119 1.20 -13.72 -20.99
CA MET B 119 1.81 -14.28 -22.21
CA MET B 119 1.74 -14.31 -22.21
C MET B 119 1.48 -13.31 -23.27
C MET B 119 1.49 -13.27 -23.22
N ASN B 120 0.34 -12.63 -23.10
CA ASN B 120 0.11 -11.49 -23.97
C ASN B 120 0.85 -10.15 -23.68
N ARG B 121 1.69 -10.16 -22.65
CA ARG B 121 2.35 -8.98 -22.01
C ARG B 121 1.39 -8.33 -21.01
N GLY B 122 1.77 -8.40 -19.72
CA GLY B 122 0.86 -8.10 -18.64
C GLY B 122 0.90 -6.71 -18.05
N GLY B 123 0.40 -6.62 -16.81
CA GLY B 123 0.07 -5.35 -16.19
C GLY B 123 1.19 -4.75 -15.34
N PHE B 124 2.33 -5.42 -15.28
CA PHE B 124 3.54 -4.85 -14.63
C PHE B 124 4.12 -3.83 -15.60
N ALA B 125 3.34 -2.82 -15.91
CA ALA B 125 3.67 -1.89 -16.99
C ALA B 125 2.80 -0.67 -16.91
N GLU B 126 3.09 0.34 -17.73
CA GLU B 126 2.25 1.53 -17.70
C GLU B 126 0.88 1.29 -18.35
N LYS B 127 0.88 0.42 -19.33
CA LYS B 127 -0.32 0.09 -20.12
C LYS B 127 -0.26 -1.38 -20.51
N LEU B 128 -1.43 -1.96 -20.81
CA LEU B 128 -1.45 -3.26 -21.47
C LEU B 128 -2.66 -3.30 -22.41
N ARG B 129 -2.75 -4.39 -23.17
CA ARG B 129 -3.87 -4.59 -24.09
C ARG B 129 -4.53 -5.93 -23.82
N ALA B 130 -5.84 -6.02 -24.10
CA ALA B 130 -6.52 -7.31 -24.05
C ALA B 130 -7.71 -7.26 -25.01
N ASP B 131 -8.24 -8.41 -25.38
CA ASP B 131 -9.50 -8.42 -26.12
C ASP B 131 -10.63 -7.73 -25.34
N TRP B 132 -11.49 -6.98 -26.01
CA TRP B 132 -12.52 -6.23 -25.28
C TRP B 132 -13.38 -7.17 -24.41
N GLN B 133 -13.58 -8.43 -24.81
CA GLN B 133 -14.43 -9.31 -24.00
C GLN B 133 -13.86 -9.54 -22.62
N TRP B 134 -12.54 -9.40 -22.48
CA TRP B 134 -11.86 -9.72 -21.22
C TRP B 134 -11.53 -8.46 -20.40
N VAL B 135 -12.01 -7.32 -20.88
CA VAL B 135 -11.85 -6.04 -20.18
C VAL B 135 -13.11 -5.82 -19.36
N ILE B 136 -13.00 -6.02 -18.05
CA ILE B 136 -14.17 -6.14 -17.20
C ILE B 136 -14.65 -4.79 -16.71
N PRO B 137 -15.90 -4.42 -17.03
CA PRO B 137 -16.40 -3.13 -16.53
C PRO B 137 -16.62 -3.21 -15.03
N LEU B 138 -16.44 -2.08 -14.36
CA LEU B 138 -16.49 -2.03 -12.91
C LEU B 138 -17.62 -1.15 -12.43
N PRO B 139 -18.20 -1.50 -11.28
CA PRO B 139 -19.17 -0.61 -10.63
C PRO B 139 -18.58 0.74 -10.26
N GLU B 140 -19.39 1.79 -10.36
CA GLU B 140 -18.93 3.14 -10.07
C GLU B 140 -18.34 3.32 -8.68
N ASN B 141 -18.90 2.62 -7.70
CA ASN B 141 -18.49 2.87 -6.33
C ASN B 141 -17.49 1.87 -5.76
N ILE B 142 -16.88 1.04 -6.60
CA ILE B 142 -15.97 0.05 -6.05
C ILE B 142 -14.67 0.69 -5.56
N ASP B 143 -14.07 0.15 -4.50
CA ASP B 143 -12.75 0.63 -4.13
C ASP B 143 -11.69 0.10 -5.07
N ILE B 144 -11.12 1.03 -5.84
CA ILE B 144 -10.21 0.57 -6.87
C ILE B 144 -8.85 0.13 -6.34
N GLU B 145 -8.41 0.62 -5.18
N GLU B 145 -8.41 0.61 -5.18
CA GLU B 145 -7.08 0.25 -4.67
CA GLU B 145 -7.09 0.25 -4.67
C GLU B 145 -7.02 -1.22 -4.27
C GLU B 145 -7.02 -1.22 -4.27
N SER B 146 -8.15 -1.77 -3.82
CA SER B 146 -8.19 -3.17 -3.39
C SER B 146 -8.88 -4.10 -4.37
N ALA B 147 -9.41 -3.57 -5.47
CA ALA B 147 -10.21 -4.39 -6.39
C ALA B 147 -9.40 -5.36 -7.24
N GLY B 148 -8.16 -5.04 -7.55
CA GLY B 148 -7.32 -5.84 -8.43
C GLY B 148 -7.35 -7.34 -8.14
N PRO B 149 -7.07 -7.71 -6.88
CA PRO B 149 -7.01 -9.14 -6.59
C PRO B 149 -8.37 -9.84 -6.70
N LEU B 150 -9.48 -9.13 -6.68
CA LEU B 150 -10.78 -9.78 -6.93
C LEU B 150 -10.81 -10.41 -8.30
N LEU B 151 -10.07 -9.84 -9.24
CA LEU B 151 -10.13 -10.33 -10.62
C LEU B 151 -9.46 -11.68 -10.81
N CYS B 152 -8.66 -12.11 -9.84
CA CYS B 152 -7.95 -13.38 -9.91
C CYS B 152 -8.26 -14.21 -8.68
N GLY B 153 -7.81 -13.76 -7.51
CA GLY B 153 -8.15 -14.48 -6.30
C GLY B 153 -9.65 -14.52 -6.01
N GLY B 154 -10.31 -13.38 -6.19
CA GLY B 154 -11.73 -13.32 -5.98
C GLY B 154 -12.51 -14.27 -6.85
N ILE B 155 -12.26 -14.24 -8.15
CA ILE B 155 -13.05 -15.05 -9.07
C ILE B 155 -12.73 -16.53 -8.79
N THR B 156 -11.50 -16.81 -8.38
CA THR B 156 -11.11 -18.17 -8.10
C THR B 156 -11.94 -18.77 -6.98
N VAL B 157 -12.23 -18.01 -5.93
CA VAL B 157 -13.03 -18.58 -4.84
C VAL B 157 -14.53 -18.35 -5.06
N PHE B 158 -14.90 -17.39 -5.88
CA PHE B 158 -16.31 -17.17 -6.25
C PHE B 158 -16.83 -18.27 -7.16
N LYS B 159 -16.00 -18.70 -8.12
CA LYS B 159 -16.49 -19.65 -9.11
C LYS B 159 -17.08 -20.96 -8.55
N PRO B 160 -16.46 -21.60 -7.54
CA PRO B 160 -17.11 -22.79 -6.99
C PRO B 160 -18.47 -22.48 -6.35
N LEU B 161 -18.68 -21.26 -5.88
CA LEU B 161 -19.97 -20.90 -5.28
C LEU B 161 -21.03 -20.95 -6.36
N LEU B 162 -20.64 -20.58 -7.58
CA LEU B 162 -21.54 -20.71 -8.73
C LEU B 162 -21.71 -22.17 -9.19
N MET B 163 -20.60 -22.89 -9.34
CA MET B 163 -20.62 -24.26 -9.80
C MET B 163 -21.49 -25.15 -8.90
N HIS B 164 -21.45 -24.90 -7.60
CA HIS B 164 -22.19 -25.76 -6.68
C HIS B 164 -23.47 -25.13 -6.14
N HIS B 165 -23.93 -24.08 -6.82
N HIS B 165 -23.86 -24.01 -6.73
CA HIS B 165 -25.17 -23.37 -6.46
CA HIS B 165 -25.16 -23.42 -6.47
C HIS B 165 -25.28 -23.15 -4.96
C HIS B 165 -25.34 -23.05 -5.00
N ILE B 166 -24.32 -22.42 -4.43
CA ILE B 166 -24.28 -22.10 -3.02
C ILE B 166 -25.23 -20.95 -2.71
N THR B 167 -26.04 -21.13 -1.66
CA THR B 167 -26.89 -20.05 -1.18
C THR B 167 -26.68 -19.83 0.32
N ALA B 168 -27.44 -18.90 0.90
CA ALA B 168 -27.26 -18.58 2.32
C ALA B 168 -27.52 -19.78 3.25
N THR B 169 -28.25 -20.79 2.80
CA THR B 169 -28.51 -21.92 3.68
C THR B 169 -27.39 -22.95 3.66
N SER B 170 -26.43 -22.75 2.75
CA SER B 170 -25.32 -23.71 2.62
C SER B 170 -24.35 -23.62 3.81
N ARG B 171 -23.86 -24.80 4.19
CA ARG B 171 -22.82 -24.88 5.20
C ARG B 171 -21.49 -25.11 4.47
N VAL B 172 -20.60 -24.12 4.55
CA VAL B 172 -19.39 -24.13 3.75
C VAL B 172 -18.14 -24.05 4.60
N GLY B 173 -17.17 -24.91 4.32
CA GLY B 173 -15.87 -24.83 4.97
C GLY B 173 -14.78 -24.34 4.03
N VAL B 174 -13.78 -23.66 4.58
CA VAL B 174 -12.71 -23.12 3.79
C VAL B 174 -11.41 -23.59 4.42
N ILE B 175 -10.61 -24.32 3.65
CA ILE B 175 -9.32 -24.79 4.16
C ILE B 175 -8.25 -23.80 3.78
N GLY B 176 -7.65 -23.15 4.78
CA GLY B 176 -6.59 -22.20 4.50
C GLY B 176 -7.13 -20.80 4.62
N ILE B 177 -6.43 -19.93 5.34
CA ILE B 177 -6.94 -18.55 5.45
C ILE B 177 -5.87 -17.56 5.04
N GLY B 178 -5.19 -17.87 3.95
CA GLY B 178 -4.27 -16.92 3.34
C GLY B 178 -4.93 -16.06 2.27
N GLY B 179 -4.17 -15.77 1.22
CA GLY B 179 -4.62 -14.88 0.16
C GLY B 179 -5.96 -15.29 -0.41
N LEU B 180 -6.13 -16.58 -0.69
CA LEU B 180 -7.42 -17.01 -1.26
C LEU B 180 -8.48 -17.22 -0.19
N GLY B 181 -8.11 -17.88 0.90
CA GLY B 181 -9.05 -18.22 1.94
C GLY B 181 -9.74 -17.01 2.55
N HIS B 182 -8.98 -15.96 2.81
CA HIS B 182 -9.59 -14.80 3.41
C HIS B 182 -10.66 -14.17 2.51
N ILE B 183 -10.44 -14.15 1.19
CA ILE B 183 -11.46 -13.61 0.28
C ILE B 183 -12.68 -14.56 0.27
N ALA B 184 -12.42 -15.85 0.30
CA ALA B 184 -13.53 -16.83 0.29
C ALA B 184 -14.41 -16.60 1.52
N ILE B 185 -13.77 -16.41 2.68
CA ILE B 185 -14.54 -16.20 3.88
C ILE B 185 -15.39 -14.92 3.81
N LYS B 186 -14.81 -13.84 3.32
CA LYS B 186 -15.54 -12.57 3.23
C LYS B 186 -16.73 -12.73 2.29
N LEU B 187 -16.54 -13.40 1.17
CA LEU B 187 -17.62 -13.58 0.21
C LEU B 187 -18.72 -14.45 0.76
N LEU B 188 -18.36 -15.57 1.39
CA LEU B 188 -19.34 -16.49 1.96
C LEU B 188 -20.13 -15.80 3.05
N HIS B 189 -19.47 -14.97 3.86
CA HIS B 189 -20.19 -14.23 4.87
C HIS B 189 -21.19 -13.26 4.25
N ALA B 190 -20.77 -12.56 3.19
CA ALA B 190 -21.68 -11.64 2.51
C ALA B 190 -22.87 -12.37 1.89
N MET B 191 -22.70 -13.65 1.58
CA MET B 191 -23.81 -14.45 1.09
C MET B 191 -24.72 -15.04 2.18
N GLY B 192 -24.34 -14.86 3.45
CA GLY B 192 -25.17 -15.32 4.56
C GLY B 192 -24.95 -16.77 4.93
N CYS B 193 -23.94 -17.41 4.32
CA CYS B 193 -23.68 -18.82 4.59
C CYS B 193 -23.21 -19.07 5.99
N GLU B 194 -23.32 -20.33 6.44
CA GLU B 194 -22.69 -20.73 7.69
C GLU B 194 -21.27 -21.16 7.37
N VAL B 195 -20.30 -20.43 7.88
CA VAL B 195 -18.93 -20.52 7.40
C VAL B 195 -17.98 -21.04 8.47
N THR B 196 -17.26 -22.11 8.12
CA THR B 196 -16.20 -22.65 8.98
C THR B 196 -14.86 -22.47 8.30
N ALA B 197 -13.91 -21.91 9.05
CA ALA B 197 -12.55 -21.78 8.55
C ALA B 197 -11.69 -22.87 9.18
N PHE B 198 -10.94 -23.58 8.36
CA PHE B 198 -9.99 -24.57 8.83
C PHE B 198 -8.61 -23.94 8.78
N SER B 199 -8.06 -23.70 9.97
CA SER B 199 -6.89 -22.88 10.16
C SER B 199 -5.77 -23.67 10.83
N SER B 200 -4.55 -23.48 10.36
CA SER B 200 -3.39 -24.10 11.00
C SER B 200 -2.74 -23.21 12.06
N ASN B 201 -3.17 -21.95 12.16
CA ASN B 201 -2.58 -21.00 13.09
C ASN B 201 -3.57 -20.55 14.18
N PRO B 202 -3.52 -21.20 15.35
CA PRO B 202 -4.47 -20.91 16.43
C PRO B 202 -4.43 -19.46 16.89
N ALA B 203 -3.35 -18.75 16.62
CA ALA B 203 -3.23 -17.36 17.06
C ALA B 203 -4.09 -16.42 16.23
N LYS B 204 -4.48 -16.86 15.03
CA LYS B 204 -5.26 -16.00 14.15
C LYS B 204 -6.76 -16.16 14.32
N GLU B 205 -7.19 -16.89 15.34
CA GLU B 205 -8.62 -17.22 15.45
C GLU B 205 -9.54 -15.98 15.50
N GLN B 206 -9.21 -14.99 16.31
CA GLN B 206 -10.07 -13.82 16.41
C GLN B 206 -10.10 -13.05 15.08
N GLU B 207 -8.95 -12.98 14.42
CA GLU B 207 -8.83 -12.31 13.14
C GLU B 207 -9.72 -12.99 12.09
N VAL B 208 -9.71 -14.31 12.09
CA VAL B 208 -10.48 -15.08 11.12
C VAL B 208 -11.98 -14.96 11.40
N LEU B 209 -12.36 -14.97 12.67
CA LEU B 209 -13.76 -14.70 13.00
C LEU B 209 -14.14 -13.32 12.45
N ALA B 210 -13.23 -12.35 12.59
CA ALA B 210 -13.50 -11.00 12.13
C ALA B 210 -13.67 -10.90 10.61
N MET B 211 -13.06 -11.84 9.88
CA MET B 211 -13.22 -11.90 8.41
C MET B 211 -14.63 -12.30 8.01
N GLY B 212 -15.36 -12.93 8.92
CA GLY B 212 -16.68 -13.43 8.61
C GLY B 212 -16.89 -14.91 8.88
N ALA B 213 -15.88 -15.58 9.44
CA ALA B 213 -16.10 -17.00 9.79
C ALA B 213 -17.00 -17.11 11.01
N ASP B 214 -17.92 -18.05 10.99
CA ASP B 214 -18.75 -18.34 12.15
C ASP B 214 -18.04 -19.22 13.17
N LYS B 215 -17.17 -20.07 12.66
CA LYS B 215 -16.45 -21.07 13.45
C LYS B 215 -15.04 -21.22 12.89
N VAL B 216 -14.07 -21.42 13.77
CA VAL B 216 -12.71 -21.68 13.35
C VAL B 216 -12.29 -23.01 13.94
N VAL B 217 -11.76 -23.88 13.09
CA VAL B 217 -11.39 -25.24 13.50
C VAL B 217 -9.91 -25.47 13.19
N ASN B 218 -9.20 -26.03 14.15
CA ASN B 218 -7.78 -26.32 14.01
C ASN B 218 -7.56 -27.45 13.01
N SER B 219 -7.01 -27.12 11.85
CA SER B 219 -6.82 -28.11 10.80
C SER B 219 -5.76 -29.12 11.20
N ARG B 220 -4.98 -28.83 12.25
CA ARG B 220 -3.97 -29.77 12.69
C ARG B 220 -4.50 -30.70 13.77
N ASP B 221 -5.79 -30.62 14.08
CA ASP B 221 -6.39 -31.49 15.08
C ASP B 221 -7.31 -32.53 14.42
N PRO B 222 -6.77 -33.75 14.18
CA PRO B 222 -7.53 -34.84 13.59
C PRO B 222 -8.84 -35.07 14.32
N GLN B 223 -8.96 -34.91 15.64
CA GLN B 223 -10.28 -35.21 16.17
C GLN B 223 -11.24 -34.09 16.02
N ALA B 224 -10.81 -32.84 15.91
CA ALA B 224 -11.81 -31.83 15.63
C ALA B 224 -12.44 -32.07 14.25
N LEU B 225 -11.62 -32.56 13.32
CA LEU B 225 -12.12 -32.79 11.97
C LEU B 225 -13.06 -33.98 11.94
N LYS B 226 -12.73 -35.03 12.68
CA LYS B 226 -13.57 -36.22 12.66
C LYS B 226 -14.94 -35.92 13.25
N ALA B 227 -15.00 -35.01 14.22
CA ALA B 227 -16.25 -34.67 14.85
C ALA B 227 -17.22 -33.97 13.88
N LEU B 228 -16.70 -33.51 12.75
CA LEU B 228 -17.52 -32.78 11.79
C LEU B 228 -18.06 -33.65 10.64
N ALA B 229 -17.97 -34.97 10.80
CA ALA B 229 -18.48 -35.88 9.78
C ALA B 229 -19.91 -35.54 9.34
N GLY B 230 -20.11 -35.48 8.02
CA GLY B 230 -21.42 -35.26 7.43
C GLY B 230 -22.02 -33.87 7.57
N GLN B 231 -21.23 -32.86 7.92
CA GLN B 231 -21.84 -31.56 8.27
C GLN B 231 -21.77 -30.49 7.19
N PHE B 232 -21.09 -30.76 6.09
CA PHE B 232 -20.84 -29.68 5.13
C PHE B 232 -21.42 -29.92 3.76
N ASP B 233 -21.98 -28.85 3.20
CA ASP B 233 -22.45 -28.92 1.83
C ASP B 233 -21.30 -28.78 0.85
N LEU B 234 -20.35 -27.91 1.19
CA LEU B 234 -19.21 -27.62 0.32
C LEU B 234 -18.00 -27.39 1.20
N ILE B 235 -16.86 -27.97 0.83
CA ILE B 235 -15.58 -27.59 1.44
C ILE B 235 -14.65 -27.16 0.33
N ILE B 236 -14.10 -25.94 0.44
CA ILE B 236 -13.19 -25.38 -0.57
C ILE B 236 -11.78 -25.47 -0.06
N ASN B 237 -10.93 -26.23 -0.74
CA ASN B 237 -9.51 -26.20 -0.43
C ASN B 237 -8.83 -25.07 -1.13
N THR B 238 -8.15 -24.21 -0.38
CA THR B 238 -7.40 -23.15 -1.00
C THR B 238 -5.88 -23.36 -0.87
N VAL B 239 -5.45 -24.39 -0.14
CA VAL B 239 -3.99 -24.51 0.04
C VAL B 239 -3.36 -25.40 -1.04
N ASN B 240 -2.07 -25.20 -1.29
CA ASN B 240 -1.43 -25.95 -2.37
C ASN B 240 -0.50 -27.03 -1.83
N VAL B 241 -0.57 -27.25 -0.52
CA VAL B 241 0.17 -28.37 0.08
C VAL B 241 -0.73 -29.57 0.25
N SER B 242 -0.12 -30.75 0.23
CA SER B 242 -0.86 -31.98 0.37
C SER B 242 -1.17 -32.20 1.84
N LEU B 243 -2.46 -32.18 2.15
CA LEU B 243 -2.95 -32.52 3.47
C LEU B 243 -3.60 -33.89 3.41
N ASP B 244 -3.97 -34.41 4.58
CA ASP B 244 -4.83 -35.56 4.60
C ASP B 244 -6.24 -35.10 4.26
N TRP B 245 -6.71 -35.43 3.07
CA TRP B 245 -8.02 -34.91 2.63
C TRP B 245 -9.17 -35.74 3.18
N GLN B 246 -8.88 -36.96 3.60
CA GLN B 246 -9.94 -37.87 4.00
C GLN B 246 -10.95 -37.34 5.03
N PRO B 247 -10.48 -36.68 6.10
CA PRO B 247 -11.47 -36.18 7.07
C PRO B 247 -12.39 -35.13 6.44
N TYR B 248 -11.90 -34.44 5.41
CA TYR B 248 -12.72 -33.39 4.77
C TYR B 248 -13.76 -34.05 3.86
N PHE B 249 -13.36 -35.12 3.18
CA PHE B 249 -14.32 -35.89 2.36
C PHE B 249 -15.43 -36.41 3.28
N GLU B 250 -15.05 -36.92 4.46
CA GLU B 250 -16.03 -37.50 5.37
C GLU B 250 -16.86 -36.40 6.05
N ALA B 251 -16.35 -35.17 6.01
CA ALA B 251 -17.08 -34.04 6.58
C ALA B 251 -18.19 -33.57 5.65
N LEU B 252 -18.24 -34.11 4.45
CA LEU B 252 -19.32 -33.80 3.52
C LEU B 252 -20.61 -34.55 3.83
N THR B 253 -21.72 -33.83 3.80
CA THR B 253 -23.03 -34.47 3.85
C THR B 253 -23.31 -35.21 2.55
N TYR B 254 -24.46 -35.90 2.46
CA TYR B 254 -24.77 -36.62 1.25
C TYR B 254 -24.95 -35.62 0.11
N GLY B 255 -24.40 -35.94 -1.05
CA GLY B 255 -24.42 -35.03 -2.19
C GLY B 255 -23.44 -33.89 -2.01
N GLY B 256 -22.62 -33.92 -0.96
CA GLY B 256 -21.69 -32.82 -0.72
C GLY B 256 -20.54 -32.74 -1.70
N ASN B 257 -19.89 -31.58 -1.72
CA ASN B 257 -18.81 -31.30 -2.65
C ASN B 257 -17.53 -30.85 -1.98
N PHE B 258 -16.42 -31.53 -2.32
CA PHE B 258 -15.08 -31.02 -2.00
C PHE B 258 -14.53 -30.39 -3.24
N HIS B 259 -14.06 -29.15 -3.13
CA HIS B 259 -13.64 -28.43 -4.33
C HIS B 259 -12.29 -27.84 -4.08
N THR B 260 -11.31 -28.18 -4.92
CA THR B 260 -9.99 -27.54 -4.73
C THR B 260 -9.74 -26.40 -5.72
N VAL B 261 -9.34 -25.24 -5.21
CA VAL B 261 -8.78 -24.19 -6.07
C VAL B 261 -7.29 -24.09 -5.83
N GLY B 262 -6.80 -24.90 -4.88
CA GLY B 262 -5.36 -25.05 -4.66
C GLY B 262 -4.81 -26.06 -5.63
N ALA B 263 -3.73 -25.69 -6.30
CA ALA B 263 -3.09 -26.53 -7.28
C ALA B 263 -2.13 -27.46 -6.54
N VAL B 264 -2.70 -28.44 -5.84
CA VAL B 264 -1.91 -29.39 -5.06
C VAL B 264 -1.14 -30.28 -6.02
N LEU B 265 0.18 -30.43 -5.82
CA LEU B 265 0.97 -31.21 -6.75
C LEU B 265 0.86 -32.73 -6.52
N THR B 266 0.80 -33.16 -5.26
CA THR B 266 0.52 -34.57 -4.96
C THR B 266 -0.94 -34.83 -5.35
N PRO B 267 -1.18 -35.80 -6.25
CA PRO B 267 -2.57 -36.13 -6.62
C PRO B 267 -3.42 -36.42 -5.39
N LEU B 268 -4.67 -35.98 -5.44
CA LEU B 268 -5.57 -36.25 -4.35
C LEU B 268 -5.89 -37.74 -4.32
N SER B 269 -5.79 -38.34 -3.14
CA SER B 269 -6.15 -39.73 -2.96
C SER B 269 -7.62 -39.83 -2.59
N VAL B 270 -8.44 -40.37 -3.50
CA VAL B 270 -9.88 -40.30 -3.34
C VAL B 270 -10.49 -41.71 -3.34
N PRO B 271 -10.81 -42.21 -2.15
CA PRO B 271 -11.34 -43.58 -2.13
C PRO B 271 -12.72 -43.63 -2.79
N ALA B 272 -12.88 -44.52 -3.75
CA ALA B 272 -14.19 -44.69 -4.39
C ALA B 272 -15.25 -44.95 -3.34
N PHE B 273 -14.95 -45.72 -2.30
CA PHE B 273 -15.99 -46.02 -1.34
C PHE B 273 -16.50 -44.81 -0.61
N THR B 274 -15.61 -43.85 -0.39
CA THR B 274 -15.99 -42.63 0.29
C THR B 274 -16.91 -41.80 -0.59
N LEU B 275 -16.60 -41.73 -1.88
CA LEU B 275 -17.53 -41.05 -2.80
C LEU B 275 -18.87 -41.77 -2.84
N ILE B 276 -18.82 -43.08 -2.99
CA ILE B 276 -20.05 -43.87 -3.15
C ILE B 276 -20.97 -43.77 -1.94
N ALA B 277 -20.37 -43.85 -0.75
CA ALA B 277 -21.15 -43.96 0.48
C ALA B 277 -21.94 -42.70 0.77
N GLY B 278 -21.49 -41.59 0.24
CA GLY B 278 -22.16 -40.32 0.49
C GLY B 278 -22.62 -39.57 -0.75
N ASP B 279 -22.60 -40.23 -1.91
CA ASP B 279 -22.89 -39.56 -3.19
C ASP B 279 -22.11 -38.25 -3.31
N ARG B 280 -20.84 -38.32 -2.91
CA ARG B 280 -20.00 -37.12 -2.89
C ARG B 280 -19.21 -36.91 -4.17
N SER B 281 -18.75 -35.66 -4.31
CA SER B 281 -17.96 -35.27 -5.48
C SER B 281 -16.71 -34.51 -5.08
N VAL B 282 -15.67 -34.65 -5.89
CA VAL B 282 -14.41 -33.88 -5.76
C VAL B 282 -14.23 -33.13 -7.09
N SER B 283 -14.07 -31.81 -7.01
N SER B 283 -14.07 -31.81 -7.01
N SER B 283 -14.07 -31.81 -7.01
CA SER B 283 -13.99 -30.96 -8.19
CA SER B 283 -14.02 -30.94 -8.19
CA SER B 283 -14.00 -30.96 -8.19
C SER B 283 -12.85 -29.96 -8.07
C SER B 283 -12.86 -29.96 -8.07
C SER B 283 -12.86 -29.96 -8.07
N GLY B 284 -12.61 -29.23 -9.15
CA GLY B 284 -11.62 -28.17 -9.14
C GLY B 284 -11.97 -27.12 -10.16
N SER B 285 -11.34 -25.94 -10.05
CA SER B 285 -11.47 -24.87 -11.04
C SER B 285 -10.38 -23.82 -10.79
N ALA B 286 -10.27 -22.86 -11.72
CA ALA B 286 -9.41 -21.69 -11.52
C ALA B 286 -10.23 -20.45 -11.84
N THR B 287 -9.83 -19.67 -12.83
CA THR B 287 -10.52 -18.38 -12.98
C THR B 287 -11.78 -18.53 -13.85
N GLY B 288 -12.48 -17.43 -14.04
CA GLY B 288 -13.82 -17.48 -14.60
C GLY B 288 -14.01 -16.79 -15.93
N THR B 289 -15.26 -16.73 -16.35
CA THR B 289 -15.61 -16.11 -17.61
C THR B 289 -15.77 -14.61 -17.50
N PRO B 290 -15.82 -13.90 -18.65
CA PRO B 290 -16.08 -12.46 -18.56
C PRO B 290 -17.39 -12.14 -17.80
N TYR B 291 -18.43 -12.93 -17.99
CA TYR B 291 -19.69 -12.63 -17.32
C TYR B 291 -19.56 -12.88 -15.83
N GLU B 292 -18.91 -13.98 -15.45
CA GLU B 292 -18.73 -14.26 -14.03
C GLU B 292 -17.90 -13.16 -13.36
N LEU B 293 -16.91 -12.67 -14.07
CA LEU B 293 -16.10 -11.57 -13.52
C LEU B 293 -16.93 -10.32 -13.35
N ARG B 294 -17.75 -10.00 -14.34
CA ARG B 294 -18.60 -8.83 -14.27
C ARG B 294 -19.52 -8.92 -13.04
N LYS B 295 -20.08 -10.11 -12.83
N LYS B 295 -20.07 -10.12 -12.84
CA LYS B 295 -21.02 -10.31 -11.72
CA LYS B 295 -21.00 -10.36 -11.75
C LYS B 295 -20.29 -10.22 -10.39
C LYS B 295 -20.30 -10.25 -10.39
N LEU B 296 -19.10 -10.82 -10.30
CA LEU B 296 -18.34 -10.77 -9.05
C LEU B 296 -18.04 -9.32 -8.69
N MET B 297 -17.60 -8.51 -9.64
CA MET B 297 -17.21 -7.16 -9.25
C MET B 297 -18.43 -6.35 -8.78
N ARG B 298 -19.57 -6.57 -9.42
CA ARG B 298 -20.80 -5.93 -8.96
C ARG B 298 -21.13 -6.37 -7.55
N PHE B 299 -21.06 -7.67 -7.29
CA PHE B 299 -21.43 -8.20 -5.98
C PHE B 299 -20.48 -7.69 -4.90
N ALA B 300 -19.19 -7.73 -5.18
CA ALA B 300 -18.18 -7.25 -4.22
C ALA B 300 -18.40 -5.78 -3.88
N ALA B 301 -18.64 -4.96 -4.89
CA ALA B 301 -18.82 -3.52 -4.62
C ALA B 301 -20.10 -3.27 -3.81
N ARG B 302 -21.17 -4.00 -4.13
CA ARG B 302 -22.44 -3.77 -3.45
C ARG B 302 -22.37 -4.26 -2.01
N SER B 303 -21.72 -5.41 -1.81
N SER B 303 -21.73 -5.41 -1.82
CA SER B 303 -21.61 -6.02 -0.48
CA SER B 303 -21.63 -6.01 -0.48
C SER B 303 -20.44 -5.46 0.33
C SER B 303 -20.43 -5.50 0.32
N LYS B 304 -19.64 -4.62 -0.31
CA LYS B 304 -18.42 -4.07 0.28
C LYS B 304 -17.43 -5.13 0.73
N VAL B 305 -17.25 -6.14 -0.11
CA VAL B 305 -16.23 -7.15 0.08
C VAL B 305 -14.98 -6.77 -0.68
N ALA B 306 -13.86 -6.63 0.04
CA ALA B 306 -12.60 -6.24 -0.58
C ALA B 306 -11.49 -7.04 0.06
N PRO B 307 -10.51 -7.45 -0.74
CA PRO B 307 -9.34 -8.14 -0.21
C PRO B 307 -8.58 -7.21 0.71
N THR B 308 -7.93 -7.79 1.71
CA THR B 308 -7.00 -7.06 2.56
C THR B 308 -5.67 -6.91 1.83
N THR B 309 -5.31 -5.66 1.50
CA THR B 309 -4.16 -5.50 0.63
C THR B 309 -3.04 -4.71 1.26
N GLU B 310 -1.85 -4.93 0.73
CA GLU B 310 -0.65 -4.17 1.09
C GLU B 310 -0.14 -3.48 -0.16
N LEU B 311 0.09 -2.17 -0.06
CA LEU B 311 0.46 -1.37 -1.22
C LEU B 311 1.96 -1.11 -1.35
N PHE B 312 2.47 -1.25 -2.57
CA PHE B 312 3.83 -0.84 -2.95
C PHE B 312 3.68 -0.03 -4.22
N PRO B 313 4.51 0.99 -4.45
CA PRO B 313 4.51 1.58 -5.79
C PRO B 313 5.10 0.60 -6.78
N MET B 314 4.70 0.71 -8.04
CA MET B 314 5.26 -0.19 -9.06
C MET B 314 6.77 0.05 -9.22
N SER B 315 7.21 1.27 -8.92
CA SER B 315 8.65 1.54 -8.99
C SER B 315 9.44 0.73 -7.96
N LYS B 316 8.74 0.16 -6.98
CA LYS B 316 9.35 -0.76 -6.04
C LYS B 316 8.88 -2.21 -6.26
N ILE B 317 8.68 -2.58 -7.51
CA ILE B 317 8.12 -3.90 -7.84
C ILE B 317 8.99 -5.08 -7.38
N ASN B 318 10.32 -4.93 -7.44
CA ASN B 318 11.15 -6.04 -7.01
C ASN B 318 11.07 -6.26 -5.50
N ASP B 319 10.96 -5.18 -4.73
CA ASP B 319 10.71 -5.31 -3.29
C ASP B 319 9.39 -5.99 -3.05
N ALA B 320 8.39 -5.62 -3.84
CA ALA B 320 7.04 -6.17 -3.67
C ALA B 320 7.01 -7.66 -3.99
N ILE B 321 7.69 -8.03 -5.07
CA ILE B 321 7.79 -9.44 -5.41
C ILE B 321 8.51 -10.24 -4.34
N GLN B 322 9.60 -9.69 -3.81
CA GLN B 322 10.33 -10.39 -2.77
C GLN B 322 9.46 -10.60 -1.52
N HIS B 323 8.68 -9.58 -1.17
CA HIS B 323 7.70 -9.64 -0.08
C HIS B 323 6.75 -10.85 -0.26
N VAL B 324 6.26 -11.04 -1.47
CA VAL B 324 5.37 -12.15 -1.76
C VAL B 324 6.15 -13.47 -1.69
N ARG B 325 7.37 -13.50 -2.27
CA ARG B 325 8.24 -14.69 -2.21
C ARG B 325 8.52 -15.14 -0.79
N ASP B 326 8.73 -14.16 0.10
CA ASP B 326 9.11 -14.40 1.48
C ASP B 326 7.89 -14.81 2.33
N GLY B 327 6.73 -14.86 1.70
CA GLY B 327 5.53 -15.31 2.38
C GLY B 327 4.86 -14.27 3.25
N LYS B 328 5.18 -13.00 3.02
CA LYS B 328 4.74 -11.93 3.91
C LYS B 328 3.41 -11.29 3.55
N ALA B 329 2.84 -11.65 2.40
CA ALA B 329 1.61 -10.99 1.96
C ALA B 329 0.49 -11.17 2.97
N ARG B 330 -0.12 -10.06 3.34
CA ARG B 330 -1.17 -10.04 4.36
C ARG B 330 -2.32 -9.13 3.95
N TYR B 331 -3.13 -9.55 2.99
CA TYR B 331 -3.04 -10.88 2.41
C TYR B 331 -2.77 -10.86 0.91
N ARG B 332 -2.91 -9.70 0.29
N ARG B 332 -2.91 -9.69 0.31
CA ARG B 332 -2.63 -9.58 -1.14
CA ARG B 332 -2.68 -9.51 -1.12
C ARG B 332 -1.83 -8.31 -1.39
C ARG B 332 -1.81 -8.28 -1.37
N VAL B 333 -0.75 -8.44 -2.15
CA VAL B 333 0.09 -7.26 -2.49
C VAL B 333 -0.42 -6.61 -3.76
N VAL B 334 -0.59 -5.29 -3.71
CA VAL B 334 -1.03 -4.49 -4.86
C VAL B 334 0.02 -3.44 -5.20
N LEU B 335 0.38 -3.36 -6.47
CA LEU B 335 1.24 -2.28 -6.99
C LEU B 335 0.45 -1.07 -7.44
N LYS B 336 0.84 0.12 -6.98
CA LYS B 336 0.26 1.34 -7.51
C LYS B 336 1.13 1.86 -8.63
N ALA B 337 0.56 2.00 -9.83
CA ALA B 337 1.28 2.54 -10.97
C ALA B 337 1.86 3.91 -10.65
N ASP B 338 3.10 4.13 -11.07
CA ASP B 338 3.71 5.45 -10.85
C ASP B 338 4.75 5.67 -11.92
N TYR B 339 5.60 6.68 -11.76
CA TYR B 339 6.50 7.06 -12.84
C TYR B 339 7.43 5.94 -13.24
N LEU B 340 7.40 5.61 -14.53
CA LEU B 340 8.16 4.50 -15.04
C LEU B 340 9.28 5.01 -15.94
N ALA B 341 10.50 4.99 -15.41
CA ALA B 341 11.68 5.48 -16.10
C ALA B 341 12.73 4.37 -16.11
#